data_7BZY
#
_entry.id   7BZY
#
_cell.length_a   1.00
_cell.length_b   1.00
_cell.length_c   1.00
_cell.angle_alpha   90.00
_cell.angle_beta   90.00
_cell.angle_gamma   90.00
#
_symmetry.space_group_name_H-M   'P 1'
#
loop_
_entity.id
_entity.type
_entity.pdbx_description
1 polymer '1-deoxy-D-xylulose-5-phosphate synthase, chloroplastic'
2 polymer 'Heat shock protein 21, chloroplastic'
#
loop_
_entity_poly.entity_id
_entity_poly.type
_entity_poly.pdbx_seq_one_letter_code
_entity_poly.pdbx_strand_id
1 'polypeptide(L)'
;MADLNWISAGHAIADVGTASLAEKGEYYSNRPPTPLLDTINYPIHMKNLSVKELKQLSDELRSDVIFNVSKTGGHLGSSL
GVVELTVALHYIFNTPQDKILWDVGHQSYPHKILTGRRGKMPTMRQTNGLSGFTKRGESEHDCFGTGHSSTTISAGLGMA
VGRDLKGKNNNVVAVIGDGAMTAGQAYEAMNNAGYLDSDMIVILNDNKQVSLPTATLDGPSPPVGALSSALSRLQSNPAL
RELREVAKGMTKQIGGPMHQLAAKVDEYARGMISGTGSSLFEELGLYYIGPVDGHNIDDLVAILKEVKSTRTTGPVLIHV
VTEKGRGYPYAERADDKYHGVVKFDPATGRQFKTTNKTQSYTTYFAEALVAEAEVDKDVVAIHAAMGGGTGLNLFQRRFP
TRCFDVGIAEQHAVTFAAGLACEGLKPFCAIYSSFMQRAYDQVVHDVDLQKLPVRFAMDRAGLVGADGPTHCGAFDVTFM
ACLPNMIVMAPSDEADLFNMVATAVAIDDRPSCFRYPRGNGIGVALPPGNKGVPIEIGKGRILKEGERVALLGYGSAVQS
CLGAAVMLEERGLNVTVADARFCKPLDRALIRSLAKSHEVLITVEEGSIGGFGSHVVQFLALDGLLDGKLKWRPMVLPDR
YIDHGAPADQLAEAGLMPSHIAATALNLIGAPREALFHHHHHHDYKDDDDK
;
11,13
2 'polypeptide(L)'
;MGSSHHHHHHSQDPNSENLYFQSAQDQRENSIDVVQQGQQKGNQGSSVEKRPQQRLTMDVSPFGLLDPLSPMRTMRQMLD
TMDRMFEDTMPVSGRNRGGSGVSEIRAPWDIKEEEHEIKMRFDMPGLSKEDVKISVEDNVLVIKGEQKKEDSDDSWSGRS
VSSYGTRLQLPDNCEKDKIKAELKNGVLFITIPKTKVERKVIDVQIQ
;
12
#
# COMPACT_ATOMS: atom_id res chain seq x y z
N PRO A 33 18.50 36.79 -21.51
CA PRO A 33 19.68 37.09 -20.68
C PRO A 33 20.42 35.82 -20.25
N THR A 34 20.53 34.84 -21.14
CA THR A 34 21.08 33.52 -20.81
C THR A 34 22.28 33.22 -21.70
N PRO A 35 23.46 33.73 -21.35
CA PRO A 35 24.64 33.46 -22.19
C PRO A 35 25.08 32.02 -22.20
N LEU A 36 25.33 31.44 -21.02
CA LEU A 36 25.99 30.14 -20.94
C LEU A 36 25.10 28.98 -21.36
N LEU A 37 23.78 29.15 -21.34
CA LEU A 37 22.90 27.99 -21.45
C LEU A 37 22.68 27.58 -22.91
N ASP A 38 22.81 28.52 -23.85
CA ASP A 38 22.72 28.15 -25.26
C ASP A 38 23.88 27.27 -25.70
N THR A 39 24.85 27.03 -24.81
CA THR A 39 26.02 26.23 -25.12
C THR A 39 25.92 24.79 -24.65
N ILE A 40 25.08 24.50 -23.66
CA ILE A 40 25.05 23.21 -22.98
C ILE A 40 23.84 22.42 -23.46
N ASN A 41 24.06 21.17 -23.84
CA ASN A 41 23.00 20.23 -24.12
C ASN A 41 23.23 18.89 -23.42
N TYR A 42 24.21 18.82 -22.54
CA TYR A 42 24.52 17.67 -21.70
C TYR A 42 25.64 18.11 -20.76
N PRO A 43 25.77 17.49 -19.59
CA PRO A 43 26.70 18.02 -18.57
C PRO A 43 28.17 18.02 -19.00
N ILE A 44 28.51 17.22 -20.01
CA ILE A 44 29.90 17.17 -20.47
C ILE A 44 30.32 18.56 -20.93
N HIS A 45 29.36 19.35 -21.41
CA HIS A 45 29.67 20.72 -21.82
C HIS A 45 30.16 21.56 -20.66
N MET A 46 29.59 21.34 -19.46
CA MET A 46 29.83 22.25 -18.34
C MET A 46 30.85 21.69 -17.35
N LYS A 47 31.31 20.46 -17.58
CA LYS A 47 32.29 19.82 -16.70
C LYS A 47 33.44 20.72 -16.25
N ASN A 48 33.88 21.69 -17.05
CA ASN A 48 35.08 22.44 -16.69
C ASN A 48 34.72 23.84 -16.22
N LEU A 49 33.44 24.21 -16.30
CA LEU A 49 32.96 25.51 -15.86
C LEU A 49 33.39 25.81 -14.43
N SER A 50 33.39 27.08 -14.06
CA SER A 50 33.75 27.44 -12.71
C SER A 50 32.52 27.88 -11.92
N VAL A 51 32.69 27.93 -10.60
CA VAL A 51 31.54 28.18 -9.73
C VAL A 51 30.97 29.57 -9.95
N LYS A 52 31.83 30.56 -10.20
CA LYS A 52 31.36 31.91 -10.47
C LYS A 52 30.41 31.92 -11.66
N GLU A 53 30.79 31.25 -12.74
CA GLU A 53 29.91 31.14 -13.89
C GLU A 53 28.81 30.11 -13.68
N LEU A 54 29.03 29.16 -12.78
CA LEU A 54 27.96 28.23 -12.41
C LEU A 54 26.74 28.96 -11.85
N LYS A 55 26.97 29.97 -11.01
CA LYS A 55 25.87 30.73 -10.45
C LYS A 55 25.09 31.48 -11.52
N GLN A 56 25.80 32.17 -12.42
CA GLN A 56 25.14 32.83 -13.52
C GLN A 56 24.35 31.83 -14.35
N LEU A 57 24.90 30.64 -14.53
CA LEU A 57 24.21 29.61 -15.29
C LEU A 57 22.91 29.21 -14.60
N SER A 58 22.97 29.01 -13.29
CA SER A 58 21.76 28.70 -12.52
C SER A 58 20.73 29.81 -12.67
N ASP A 59 21.18 31.05 -12.69
CA ASP A 59 20.24 32.16 -12.85
C ASP A 59 19.59 32.14 -14.23
N GLU A 60 20.39 31.93 -15.26
CA GLU A 60 19.85 31.72 -16.60
C GLU A 60 18.84 30.59 -16.59
N LEU A 61 19.10 29.56 -15.78
CA LEU A 61 18.15 28.46 -15.66
C LEU A 61 16.83 28.91 -15.07
N ARG A 62 16.88 29.67 -13.96
CA ARG A 62 15.67 30.24 -13.40
C ARG A 62 14.86 30.94 -14.49
N SER A 63 15.54 31.81 -15.25
CA SER A 63 14.85 32.62 -16.25
C SER A 63 14.26 31.74 -17.36
N ASP A 64 15.04 30.77 -17.83
CA ASP A 64 14.56 29.90 -18.89
C ASP A 64 13.39 29.06 -18.41
N VAL A 65 13.45 28.54 -17.18
CA VAL A 65 12.34 27.76 -16.66
C VAL A 65 11.10 28.62 -16.57
N ILE A 66 11.26 29.87 -16.14
CA ILE A 66 10.11 30.76 -16.04
C ILE A 66 9.51 31.01 -17.41
N PHE A 67 10.35 31.26 -18.41
CA PHE A 67 9.83 31.51 -19.75
C PHE A 67 9.20 30.27 -20.36
N ASN A 68 9.69 29.09 -19.99
CA ASN A 68 9.10 27.85 -20.51
C ASN A 68 7.77 27.55 -19.83
N VAL A 69 7.75 27.54 -18.50
CA VAL A 69 6.53 27.30 -17.75
C VAL A 69 5.44 28.29 -18.08
N SER A 70 5.79 29.52 -18.45
CA SER A 70 4.77 30.49 -18.81
C SER A 70 3.99 30.07 -20.05
N LYS A 71 4.35 28.94 -20.65
CA LYS A 71 3.52 28.35 -21.69
C LYS A 71 2.39 27.53 -21.11
N THR A 72 2.69 26.61 -20.17
CA THR A 72 1.64 25.81 -19.54
C THR A 72 2.09 24.96 -18.36
N GLY A 73 1.25 24.91 -17.32
CA GLY A 73 1.11 23.79 -16.40
C GLY A 73 2.34 23.32 -15.66
N GLY A 74 3.34 24.18 -15.45
CA GLY A 74 4.56 23.73 -14.81
C GLY A 74 4.52 23.86 -13.30
N HIS A 75 4.89 22.77 -12.62
CA HIS A 75 4.98 22.77 -11.16
C HIS A 75 6.20 23.61 -10.78
N LEU A 76 5.96 24.90 -10.61
CA LEU A 76 7.04 25.87 -10.75
C LEU A 76 7.92 25.93 -9.50
N GLY A 77 7.35 26.31 -8.36
CA GLY A 77 8.16 26.78 -7.24
C GLY A 77 9.24 25.82 -6.79
N SER A 78 8.92 24.52 -6.76
CA SER A 78 9.95 23.55 -6.44
C SER A 78 11.12 23.69 -7.39
N SER A 79 10.90 23.39 -8.67
CA SER A 79 11.98 23.48 -9.66
C SER A 79 12.70 24.82 -9.58
N LEU A 80 11.98 25.89 -9.25
CA LEU A 80 12.62 27.19 -9.06
C LEU A 80 13.66 27.12 -7.95
N GLY A 81 13.31 26.48 -6.85
CA GLY A 81 14.30 26.28 -5.80
C GLY A 81 15.29 25.17 -6.11
N VAL A 82 14.97 24.35 -7.10
CA VAL A 82 15.73 23.14 -7.40
C VAL A 82 16.82 23.37 -8.45
N VAL A 83 16.69 24.43 -9.25
CA VAL A 83 17.67 24.74 -10.29
C VAL A 83 19.09 24.54 -9.78
N GLU A 84 19.40 25.12 -8.63
CA GLU A 84 20.70 24.95 -7.97
C GLU A 84 21.11 23.49 -7.92
N LEU A 85 20.25 22.66 -7.34
CA LEU A 85 20.59 21.25 -7.19
C LEU A 85 20.77 20.58 -8.53
N THR A 86 19.79 20.73 -9.43
CA THR A 86 19.92 20.20 -10.79
C THR A 86 21.32 20.46 -11.34
N VAL A 87 21.75 21.72 -11.27
CA VAL A 87 23.10 22.06 -11.71
C VAL A 87 24.12 21.18 -11.02
N ALA A 88 24.06 21.13 -9.68
CA ALA A 88 25.11 20.42 -8.94
C ALA A 88 25.19 18.95 -9.33
N LEU A 89 24.06 18.26 -9.34
CA LEU A 89 24.11 16.82 -9.54
C LEU A 89 24.09 16.46 -11.02
N HIS A 90 24.06 17.46 -11.91
CA HIS A 90 24.42 17.14 -13.27
C HIS A 90 25.87 17.45 -13.56
N TYR A 91 26.46 18.38 -12.80
CA TYR A 91 27.87 18.67 -12.98
C TYR A 91 28.73 17.58 -12.36
N ILE A 92 28.54 17.30 -11.07
CA ILE A 92 29.40 16.35 -10.39
C ILE A 92 29.26 14.96 -10.97
N PHE A 93 28.09 14.37 -10.80
CA PHE A 93 27.87 13.00 -11.21
C PHE A 93 27.46 12.96 -12.67
N ASN A 94 28.04 12.02 -13.41
CA ASN A 94 27.83 11.91 -14.84
C ASN A 94 26.66 10.98 -15.08
N THR A 95 25.99 11.21 -16.02
CA THR A 95 24.91 10.33 -16.38
C THR A 95 25.05 9.89 -17.83
N PRO A 96 24.74 8.62 -18.16
CA PRO A 96 24.21 7.57 -17.29
C PRO A 96 25.27 6.78 -16.51
N GLN A 97 26.47 7.34 -16.36
CA GLN A 97 27.38 6.87 -15.32
C GLN A 97 26.66 6.73 -13.98
N ASP A 98 26.15 7.85 -13.47
CA ASP A 98 25.55 7.80 -12.15
C ASP A 98 24.04 7.92 -12.25
N LYS A 99 23.35 6.88 -11.79
CA LYS A 99 21.90 6.82 -11.87
C LYS A 99 21.32 7.78 -10.83
N ILE A 100 21.01 9.00 -11.27
CA ILE A 100 20.40 9.96 -10.37
C ILE A 100 18.90 9.72 -10.29
N LEU A 101 18.34 9.93 -9.10
CA LEU A 101 16.92 9.72 -8.87
C LEU A 101 16.32 11.00 -8.30
N TRP A 102 15.32 11.54 -8.98
CA TRP A 102 14.62 12.70 -8.46
C TRP A 102 13.39 12.26 -7.67
N ASP A 103 12.67 13.24 -7.16
CA ASP A 103 11.41 13.00 -6.47
C ASP A 103 10.31 12.77 -7.50
N VAL A 104 9.06 12.97 -7.10
CA VAL A 104 7.89 12.69 -7.94
C VAL A 104 8.14 13.08 -9.38
N GLY A 105 8.88 14.18 -9.59
CA GLY A 105 9.22 14.62 -10.94
C GLY A 105 8.71 16.00 -11.26
N HIS A 106 8.01 16.64 -10.32
CA HIS A 106 7.53 17.98 -10.58
C HIS A 106 8.69 18.96 -10.76
N GLN A 107 9.73 18.84 -9.93
CA GLN A 107 10.88 19.72 -10.04
C GLN A 107 11.93 19.19 -11.02
N SER A 108 11.52 18.37 -11.97
CA SER A 108 12.42 17.85 -12.99
C SER A 108 12.65 18.82 -14.14
N TYR A 109 12.06 20.01 -14.09
CA TYR A 109 12.24 20.96 -15.18
C TYR A 109 13.70 21.31 -15.41
N PRO A 110 14.47 21.77 -14.42
CA PRO A 110 15.89 22.04 -14.70
C PRO A 110 16.63 20.80 -15.17
N HIS A 111 16.36 19.65 -14.55
CA HIS A 111 17.01 18.41 -14.98
C HIS A 111 16.80 18.17 -16.46
N LYS A 112 15.53 18.15 -16.90
CA LYS A 112 15.24 18.00 -18.32
C LYS A 112 16.00 19.02 -19.15
N ILE A 113 16.01 20.27 -18.71
CA ILE A 113 16.75 21.31 -19.43
C ILE A 113 18.18 20.87 -19.68
N LEU A 114 18.86 20.46 -18.61
CA LEU A 114 20.28 20.12 -18.68
C LEU A 114 20.52 18.73 -19.22
N THR A 115 19.47 18.03 -19.67
CA THR A 115 19.63 16.68 -20.17
C THR A 115 19.08 16.59 -21.58
N GLY A 116 19.52 17.50 -22.44
CA GLY A 116 19.14 17.45 -23.83
C GLY A 116 17.67 17.72 -24.07
N ARG A 117 17.00 18.34 -23.11
CA ARG A 117 15.58 18.63 -23.24
C ARG A 117 15.26 20.07 -22.86
N ARG A 118 16.13 21.01 -23.25
CA ARG A 118 15.80 22.41 -23.11
C ARG A 118 14.91 22.86 -24.26
N GLY A 119 15.21 22.37 -25.46
CA GLY A 119 14.48 22.79 -26.65
C GLY A 119 13.10 22.17 -26.80
N LYS A 120 12.71 21.31 -25.86
CA LYS A 120 11.42 20.65 -25.93
C LYS A 120 10.39 21.20 -24.94
N MET A 121 10.79 22.12 -24.08
CA MET A 121 9.92 22.72 -23.07
C MET A 121 8.66 23.34 -23.67
N PRO A 122 8.71 23.97 -24.86
CA PRO A 122 7.47 24.42 -25.49
C PRO A 122 6.54 23.29 -25.91
N THR A 123 6.91 22.05 -25.60
CA THR A 123 6.06 20.90 -25.89
C THR A 123 5.84 20.02 -24.67
N MET A 124 6.49 20.33 -23.55
CA MET A 124 6.23 19.58 -22.31
C MET A 124 4.77 19.72 -21.92
N ARG A 125 4.25 18.66 -21.30
CA ARG A 125 2.88 18.58 -20.81
C ARG A 125 1.87 18.53 -21.94
N GLN A 126 2.28 18.76 -23.18
CA GLN A 126 1.37 18.67 -24.31
C GLN A 126 1.28 17.24 -24.81
N THR A 127 0.37 17.02 -25.74
CA THR A 127 0.29 15.72 -26.40
C THR A 127 1.55 15.47 -27.21
N ASN A 128 1.98 14.21 -27.25
CA ASN A 128 3.14 13.78 -28.02
C ASN A 128 4.43 14.39 -27.48
N GLY A 129 4.33 15.18 -26.42
CA GLY A 129 5.47 15.90 -25.89
C GLY A 129 6.02 15.27 -24.63
N LEU A 130 6.60 16.13 -23.80
CA LEU A 130 7.27 15.68 -22.58
C LEU A 130 6.27 15.49 -21.45
N SER A 131 6.56 14.52 -20.59
CA SER A 131 5.79 14.39 -19.36
C SER A 131 6.30 15.37 -18.32
N GLY A 132 5.40 15.79 -17.44
CA GLY A 132 5.77 16.73 -16.41
C GLY A 132 6.65 16.15 -15.33
N PHE A 133 7.04 14.89 -15.46
CA PHE A 133 7.83 14.19 -14.46
C PHE A 133 8.87 13.34 -15.16
N THR A 134 9.89 12.93 -14.42
CA THR A 134 10.89 12.04 -14.97
C THR A 134 10.24 10.75 -15.44
N LYS A 135 10.57 10.34 -16.67
CA LYS A 135 9.94 9.20 -17.30
C LYS A 135 11.04 8.31 -17.86
N ARG A 136 11.31 7.19 -17.20
CA ARG A 136 12.44 6.34 -17.56
C ARG A 136 12.43 5.98 -19.04
N GLY A 137 11.25 5.67 -19.58
CA GLY A 137 11.18 5.24 -20.95
C GLY A 137 11.23 6.35 -21.97
N GLU A 138 12.03 7.40 -21.73
CA GLU A 138 12.18 8.48 -22.70
C GLU A 138 13.61 8.63 -23.18
N SER A 139 14.57 8.86 -22.28
CA SER A 139 15.95 9.11 -22.63
C SER A 139 16.88 8.23 -21.80
N GLU A 140 18.09 7.99 -22.34
CA GLU A 140 19.09 7.19 -21.64
C GLU A 140 19.36 7.72 -20.23
N HIS A 141 19.22 9.02 -20.01
CA HIS A 141 19.45 9.56 -18.68
C HIS A 141 18.19 9.60 -17.83
N ASP A 142 17.04 9.27 -18.41
CA ASP A 142 15.80 9.18 -17.65
C ASP A 142 15.87 7.90 -16.84
N CYS A 143 16.28 8.04 -15.59
CA CYS A 143 16.84 6.93 -14.84
C CYS A 143 15.75 5.98 -14.36
N PHE A 144 14.70 6.52 -13.73
CA PHE A 144 13.59 5.73 -13.23
C PHE A 144 12.36 6.63 -13.15
N GLY A 145 11.42 6.37 -14.04
CA GLY A 145 10.22 7.18 -14.18
C GLY A 145 9.41 7.28 -12.91
N THR A 146 9.44 8.44 -12.28
CA THR A 146 8.69 8.66 -11.06
C THR A 146 7.29 9.15 -11.43
N GLY A 147 6.53 9.62 -10.46
CA GLY A 147 5.16 10.01 -10.68
C GLY A 147 4.32 9.79 -9.45
N HIS A 148 4.91 9.20 -8.41
CA HIS A 148 4.27 9.00 -7.13
C HIS A 148 5.29 9.22 -6.03
N SER A 149 4.86 9.88 -4.96
CA SER A 149 5.78 10.34 -3.94
C SER A 149 6.42 9.18 -3.20
N SER A 150 7.68 9.37 -2.82
CA SER A 150 8.44 8.46 -1.97
C SER A 150 8.74 7.14 -2.67
N THR A 151 8.32 6.98 -3.92
CA THR A 151 8.46 5.72 -4.63
C THR A 151 9.80 5.56 -5.28
N THR A 152 10.81 6.30 -4.82
CA THR A 152 12.09 6.40 -5.53
C THR A 152 13.25 5.87 -4.71
N ILE A 153 13.41 6.36 -3.49
CA ILE A 153 14.56 5.99 -2.66
C ILE A 153 14.70 4.48 -2.56
N SER A 154 13.58 3.76 -2.62
CA SER A 154 13.65 2.30 -2.67
C SER A 154 14.30 1.82 -3.95
N ALA A 155 13.85 2.35 -5.10
CA ALA A 155 14.49 1.95 -6.35
C ALA A 155 15.93 2.41 -6.41
N GLY A 156 16.26 3.52 -5.75
CA GLY A 156 17.64 3.96 -5.71
C GLY A 156 18.53 3.01 -4.92
N LEU A 157 18.03 2.58 -3.76
CA LEU A 157 18.74 1.54 -3.04
C LEU A 157 18.85 0.27 -3.87
N GLY A 158 17.80 -0.06 -4.62
CA GLY A 158 17.85 -1.24 -5.48
C GLY A 158 18.94 -1.16 -6.51
N MET A 159 18.99 -0.05 -7.25
CA MET A 159 20.08 0.15 -8.20
C MET A 159 21.44 0.11 -7.51
N ALA A 160 21.51 0.62 -6.28
CA ALA A 160 22.79 0.62 -5.57
C ALA A 160 23.29 -0.80 -5.33
N VAL A 161 22.48 -1.63 -4.67
CA VAL A 161 22.95 -3.00 -4.45
C VAL A 161 23.11 -3.74 -5.76
N GLY A 162 22.29 -3.47 -6.76
CA GLY A 162 22.43 -4.17 -8.03
C GLY A 162 23.75 -3.88 -8.71
N ARG A 163 24.13 -2.60 -8.77
CA ARG A 163 25.41 -2.24 -9.35
C ARG A 163 26.57 -2.78 -8.50
N ASP A 164 26.39 -2.89 -7.19
CA ASP A 164 27.44 -3.53 -6.40
C ASP A 164 27.47 -5.03 -6.63
N LEU A 165 26.39 -5.59 -7.16
CA LEU A 165 26.32 -7.01 -7.48
C LEU A 165 26.84 -7.31 -8.88
N LYS A 166 26.73 -6.35 -9.80
CA LYS A 166 27.37 -6.49 -11.11
C LYS A 166 28.83 -6.04 -11.09
N GLY A 167 29.37 -5.74 -9.92
CA GLY A 167 30.76 -5.34 -9.80
C GLY A 167 31.01 -3.91 -10.20
N LYS A 168 30.02 -3.27 -10.83
CA LYS A 168 30.17 -1.90 -11.27
C LYS A 168 30.40 -0.97 -10.08
N ASN A 169 31.02 0.17 -10.36
CA ASN A 169 31.35 1.15 -9.32
C ASN A 169 30.80 2.49 -9.78
N ASN A 170 29.52 2.73 -9.49
CA ASN A 170 28.85 3.96 -9.89
C ASN A 170 28.40 4.69 -8.63
N ASN A 171 27.67 5.77 -8.82
CA ASN A 171 27.00 6.44 -7.71
C ASN A 171 25.52 6.51 -8.04
N VAL A 172 24.68 6.26 -7.06
CA VAL A 172 23.25 6.31 -7.23
C VAL A 172 22.68 7.32 -6.25
N VAL A 173 22.02 8.34 -6.79
CA VAL A 173 21.54 9.46 -6.01
C VAL A 173 20.02 9.47 -6.06
N ALA A 174 19.40 9.62 -4.89
CA ALA A 174 17.95 9.76 -4.83
C ALA A 174 17.65 11.15 -4.26
N VAL A 175 16.98 11.97 -5.05
CA VAL A 175 16.57 13.29 -4.60
C VAL A 175 15.09 13.26 -4.27
N ILE A 176 14.73 13.73 -3.08
CA ILE A 176 13.34 13.82 -2.68
C ILE A 176 13.16 15.07 -1.85
N GLY A 177 11.92 15.46 -1.63
CA GLY A 177 11.64 16.50 -0.69
C GLY A 177 10.98 15.97 0.56
N ASP A 178 10.93 16.82 1.58
CA ASP A 178 10.14 16.52 2.77
C ASP A 178 8.77 15.97 2.42
N GLY A 179 8.18 16.41 1.30
CA GLY A 179 6.95 15.85 0.81
C GLY A 179 7.01 14.35 0.60
N ALA A 180 8.18 13.82 0.28
CA ALA A 180 8.33 12.37 0.17
C ALA A 180 8.88 11.74 1.44
N MET A 181 9.18 12.55 2.46
CA MET A 181 9.73 12.01 3.70
C MET A 181 8.62 11.46 4.60
N THR A 182 7.36 11.82 4.33
CA THR A 182 6.28 11.43 5.22
C THR A 182 5.81 10.02 4.96
N ALA A 183 5.75 9.60 3.69
CA ALA A 183 5.10 8.36 3.33
C ALA A 183 5.86 7.15 3.90
N GLY A 184 5.32 5.97 3.64
CA GLY A 184 5.89 4.76 4.21
C GLY A 184 7.10 4.24 3.46
N GLN A 185 6.99 4.12 2.14
CA GLN A 185 8.07 3.59 1.32
C GLN A 185 9.39 4.26 1.68
N ALA A 186 9.38 5.58 1.84
CA ALA A 186 10.59 6.29 2.20
C ALA A 186 11.18 5.75 3.49
N TYR A 187 10.37 5.73 4.56
CA TYR A 187 10.87 5.30 5.87
C TYR A 187 11.41 3.87 5.80
N GLU A 188 10.61 2.95 5.27
CA GLU A 188 11.02 1.55 5.26
C GLU A 188 12.26 1.35 4.40
N ALA A 189 12.26 1.88 3.18
CA ALA A 189 13.38 1.71 2.29
C ALA A 189 14.64 2.32 2.87
N MET A 190 14.52 3.49 3.50
CA MET A 190 15.72 4.14 4.01
C MET A 190 16.27 3.44 5.23
N ASN A 191 15.38 2.89 6.07
CA ASN A 191 15.85 2.02 7.15
C ASN A 191 16.59 0.82 6.58
N ASN A 192 15.98 0.14 5.61
CA ASN A 192 16.61 -1.04 5.04
C ASN A 192 17.92 -0.69 4.35
N ALA A 193 18.02 0.50 3.79
CA ALA A 193 19.27 0.95 3.19
C ALA A 193 20.33 1.10 4.26
N GLY A 194 20.05 1.92 5.27
CA GLY A 194 20.98 2.02 6.38
C GLY A 194 21.37 0.69 6.97
N TYR A 195 20.52 -0.32 6.80
CA TYR A 195 20.90 -1.67 7.22
C TYR A 195 21.90 -2.29 6.23
N LEU A 196 21.55 -2.34 4.95
CA LEU A 196 22.36 -3.05 3.98
C LEU A 196 23.73 -2.41 3.75
N ASP A 197 23.92 -1.16 4.18
CA ASP A 197 25.15 -0.42 3.94
C ASP A 197 25.52 -0.39 2.46
N SER A 198 24.53 -0.56 1.59
CA SER A 198 24.76 -0.42 0.16
C SER A 198 25.13 1.03 -0.15
N ASP A 199 26.20 1.20 -0.90
CA ASP A 199 26.69 2.54 -1.20
C ASP A 199 25.67 3.25 -2.09
N MET A 200 24.99 4.25 -1.53
CA MET A 200 23.98 4.98 -2.28
C MET A 200 23.82 6.39 -1.74
N ILE A 201 23.07 7.22 -2.48
CA ILE A 201 22.87 8.62 -2.12
C ILE A 201 21.38 8.91 -2.01
N VAL A 202 21.01 9.68 -1.00
CA VAL A 202 19.64 10.17 -0.84
C VAL A 202 19.71 11.68 -0.70
N ILE A 203 18.71 12.36 -1.26
CA ILE A 203 18.67 13.81 -1.18
C ILE A 203 17.30 14.30 -0.73
N LEU A 204 17.25 14.87 0.47
CA LEU A 204 16.04 15.50 0.99
C LEU A 204 16.04 16.99 0.63
N ASN A 205 14.86 17.58 0.64
CA ASN A 205 14.66 18.92 0.11
C ASN A 205 13.78 19.73 1.05
N ASP A 206 13.73 21.04 0.83
CA ASP A 206 12.79 21.93 1.52
C ASP A 206 12.96 21.97 3.03
N ASN A 207 14.08 22.51 3.52
CA ASN A 207 14.31 22.59 4.96
C ASN A 207 13.14 23.22 5.70
N LYS A 208 12.52 24.24 5.11
CA LYS A 208 11.46 24.98 5.78
C LYS A 208 10.14 24.25 5.73
N GLN A 209 10.17 22.94 5.44
CA GLN A 209 9.05 22.04 5.66
C GLN A 209 7.87 22.34 4.74
N VAL A 210 8.03 23.28 3.82
CA VAL A 210 7.07 23.38 2.73
C VAL A 210 7.33 22.19 1.82
N SER A 211 6.27 21.50 1.43
CA SER A 211 6.41 20.12 0.96
C SER A 211 6.78 20.04 -0.52
N LEU A 212 7.05 18.82 -0.97
CA LEU A 212 7.09 18.53 -2.40
C LEU A 212 5.99 17.54 -2.76
N PRO A 213 4.85 18.03 -3.22
CA PRO A 213 3.64 17.22 -3.26
C PRO A 213 3.43 16.48 -4.57
N THR A 214 2.25 15.87 -4.64
CA THR A 214 1.67 15.24 -5.81
C THR A 214 1.46 16.27 -6.92
N ALA A 215 1.15 15.78 -8.12
CA ALA A 215 0.98 16.65 -9.29
C ALA A 215 -0.08 17.74 -9.06
N THR A 216 -1.33 17.33 -8.81
CA THR A 216 -2.43 18.29 -8.98
C THR A 216 -2.85 18.98 -7.69
N LEU A 217 -1.96 19.10 -6.71
CA LEU A 217 -2.26 19.92 -5.54
C LEU A 217 -2.29 21.39 -5.93
N ASP A 218 -3.49 21.96 -5.95
CA ASP A 218 -3.64 23.37 -6.29
C ASP A 218 -3.14 24.25 -5.15
N GLY A 219 -3.35 23.80 -3.91
CA GLY A 219 -2.88 24.51 -2.74
C GLY A 219 -3.03 23.71 -1.47
N PRO A 220 -1.96 23.64 -0.70
CA PRO A 220 -2.07 23.05 0.65
C PRO A 220 -2.43 24.13 1.66
N SER A 221 -2.74 23.71 2.87
CA SER A 221 -3.04 24.64 3.94
C SER A 221 -1.76 25.39 4.33
N PRO A 222 -1.75 26.71 4.25
CA PRO A 222 -0.51 27.45 4.49
C PRO A 222 -0.17 27.45 5.98
N PRO A 223 1.00 26.94 6.36
CA PRO A 223 1.45 27.05 7.75
C PRO A 223 1.94 28.46 8.09
N VAL A 224 2.15 28.71 9.38
CA VAL A 224 2.59 30.03 9.81
C VAL A 224 4.07 29.98 10.16
N GLY A 225 4.58 28.79 10.44
CA GLY A 225 5.98 28.61 10.79
C GLY A 225 6.91 28.74 9.59
N SER A 278 16.67 19.58 13.32
CA SER A 278 17.48 18.41 12.88
C SER A 278 16.58 17.20 12.62
N SER A 279 16.88 16.43 11.57
CA SER A 279 16.08 15.24 11.21
C SER A 279 16.89 13.97 11.49
N LEU A 280 16.74 13.37 12.68
CA LEU A 280 17.57 12.21 13.07
C LEU A 280 17.21 10.99 12.24
N PHE A 281 17.95 10.78 11.16
CA PHE A 281 17.70 9.61 10.30
C PHE A 281 18.86 8.64 10.53
N GLU A 282 19.47 8.73 11.72
CA GLU A 282 20.56 7.79 12.08
C GLU A 282 19.93 6.51 12.60
N GLU A 283 18.71 6.59 13.12
CA GLU A 283 18.04 5.33 13.53
C GLU A 283 17.61 4.63 12.24
N LEU A 284 17.53 5.38 11.16
CA LEU A 284 17.24 4.74 9.84
C LEU A 284 18.55 4.24 9.27
N GLY A 285 19.68 4.52 9.94
CA GLY A 285 20.98 3.94 9.54
C GLY A 285 21.78 4.67 8.47
N LEU A 286 21.20 5.66 7.79
CA LEU A 286 21.92 6.29 6.65
C LEU A 286 22.88 7.38 7.12
N TYR A 287 23.44 8.17 6.21
CA TYR A 287 24.24 9.35 6.51
C TYR A 287 23.50 10.60 6.06
N TYR A 288 23.42 11.60 6.92
CA TYR A 288 22.46 12.67 6.71
C TYR A 288 23.17 14.01 6.67
N ILE A 289 23.49 14.48 5.46
CA ILE A 289 24.11 15.79 5.28
C ILE A 289 23.00 16.76 4.89
N GLY A 290 23.09 17.98 5.38
CA GLY A 290 22.08 18.97 5.09
C GLY A 290 21.07 19.04 6.21
N PRO A 291 20.10 19.94 6.08
CA PRO A 291 19.86 20.77 4.91
C PRO A 291 20.83 21.91 4.74
N VAL A 292 21.66 21.81 3.72
CA VAL A 292 22.50 22.91 3.30
C VAL A 292 21.67 23.78 2.38
N ASP A 293 22.15 24.99 2.10
CA ASP A 293 21.42 25.94 1.26
C ASP A 293 21.45 25.50 -0.20
N GLY A 294 20.27 25.22 -0.75
CA GLY A 294 20.15 24.98 -2.17
C GLY A 294 19.95 26.29 -2.92
N HIS A 295 20.75 27.30 -2.56
CA HIS A 295 20.72 28.57 -3.28
C HIS A 295 22.12 29.12 -3.50
N ASN A 296 23.15 28.28 -3.46
CA ASN A 296 24.49 28.67 -3.90
C ASN A 296 25.12 27.42 -4.50
N ILE A 297 25.15 27.35 -5.83
CA ILE A 297 25.67 26.18 -6.51
C ILE A 297 27.12 25.91 -6.09
N ASP A 298 27.81 26.94 -5.60
CA ASP A 298 29.15 26.75 -5.04
C ASP A 298 29.14 25.70 -3.92
N ASP A 299 28.13 25.76 -3.06
CA ASP A 299 28.08 24.85 -1.92
C ASP A 299 28.00 23.41 -2.35
N LEU A 300 27.10 23.10 -3.26
CA LEU A 300 26.79 21.72 -3.61
C LEU A 300 27.92 21.09 -4.42
N VAL A 301 28.50 21.88 -5.33
CA VAL A 301 29.61 21.38 -6.14
C VAL A 301 30.82 21.09 -5.26
N ALA A 302 30.95 21.84 -4.16
CA ALA A 302 32.05 21.61 -3.23
C ALA A 302 31.72 20.47 -2.28
N ILE A 303 30.62 19.76 -2.54
CA ILE A 303 30.22 18.61 -1.74
C ILE A 303 30.30 17.32 -2.52
N LEU A 304 29.55 17.20 -3.62
CA LEU A 304 29.41 15.92 -4.28
C LEU A 304 30.72 15.49 -4.94
N LYS A 305 31.53 16.46 -5.36
CA LYS A 305 32.85 16.13 -5.88
C LYS A 305 33.84 15.92 -4.76
N GLU A 306 33.58 16.52 -3.60
CA GLU A 306 34.59 16.56 -2.56
C GLU A 306 34.57 15.28 -1.72
N VAL A 307 33.38 14.73 -1.47
CA VAL A 307 33.30 13.52 -0.66
C VAL A 307 32.63 12.36 -1.35
N LYS A 308 31.80 12.56 -2.39
CA LYS A 308 30.84 11.52 -2.70
C LYS A 308 31.02 10.90 -4.07
N SER A 309 32.24 10.87 -4.58
CA SER A 309 32.64 9.81 -5.50
C SER A 309 32.50 8.47 -4.79
N THR A 310 32.64 7.38 -5.54
CA THR A 310 32.37 6.04 -5.00
C THR A 310 33.19 5.72 -3.74
N ARG A 311 34.17 6.54 -3.39
CA ARG A 311 34.85 6.41 -2.10
C ARG A 311 33.86 6.41 -0.95
N THR A 312 32.70 7.04 -1.14
CA THR A 312 31.65 7.00 -0.14
C THR A 312 31.25 5.56 0.14
N THR A 313 31.05 5.24 1.40
CA THR A 313 30.78 3.87 1.82
C THR A 313 29.38 3.83 2.41
N GLY A 314 28.51 3.05 1.79
CA GLY A 314 27.16 2.91 2.27
C GLY A 314 26.27 4.04 1.81
N PRO A 315 25.07 4.12 2.38
CA PRO A 315 24.09 5.13 1.95
C PRO A 315 24.26 6.46 2.66
N VAL A 316 23.98 7.52 1.91
CA VAL A 316 24.04 8.89 2.41
C VAL A 316 22.77 9.61 2.01
N LEU A 317 22.27 10.48 2.89
CA LEU A 317 21.08 11.28 2.65
C LEU A 317 21.42 12.76 2.71
N ILE A 318 20.89 13.52 1.75
CA ILE A 318 21.24 14.91 1.59
C ILE A 318 19.98 15.76 1.74
N HIS A 319 19.77 16.31 2.93
CA HIS A 319 18.75 17.34 3.06
C HIS A 319 19.27 18.64 2.49
N VAL A 320 18.38 19.44 1.92
CA VAL A 320 18.79 20.72 1.37
C VAL A 320 17.78 21.79 1.74
N VAL A 321 18.30 22.96 2.12
CA VAL A 321 17.50 24.16 2.32
C VAL A 321 17.11 24.67 0.94
N THR A 322 15.81 24.74 0.66
CA THR A 322 15.37 25.31 -0.61
C THR A 322 14.11 26.14 -0.41
N GLU A 323 14.24 27.44 -0.63
CA GLU A 323 13.11 28.36 -0.69
C GLU A 323 12.31 28.04 -1.94
N LYS A 324 11.24 27.27 -1.79
CA LYS A 324 10.44 26.95 -2.96
C LYS A 324 9.92 28.22 -3.59
N GLY A 325 9.97 28.26 -4.92
CA GLY A 325 9.68 29.46 -5.66
C GLY A 325 10.83 30.43 -5.77
N ARG A 326 12.04 30.03 -5.38
CA ARG A 326 13.18 30.92 -5.44
C ARG A 326 13.42 31.37 -6.86
N GLY A 327 13.63 32.68 -7.03
CA GLY A 327 13.94 33.25 -8.33
C GLY A 327 12.80 33.95 -9.02
N TYR A 328 11.61 33.94 -8.44
CA TYR A 328 10.45 34.61 -9.01
C TYR A 328 9.73 35.37 -7.91
N PRO A 329 9.98 36.68 -7.75
CA PRO A 329 9.52 37.39 -6.54
C PRO A 329 8.04 37.29 -6.26
N TYR A 330 7.21 36.95 -7.25
CA TYR A 330 5.82 36.67 -6.95
C TYR A 330 5.69 35.36 -6.18
N ALA A 331 6.11 34.24 -6.78
CA ALA A 331 6.01 32.96 -6.11
C ALA A 331 6.93 32.87 -4.90
N GLU A 332 7.99 33.68 -4.86
CA GLU A 332 8.87 33.70 -3.70
C GLU A 332 8.09 33.94 -2.41
N ARG A 333 6.96 34.63 -2.50
CA ARG A 333 5.97 34.68 -1.44
C ARG A 333 4.68 33.99 -1.82
N ALA A 334 4.57 33.45 -3.04
CA ALA A 334 3.35 32.82 -3.52
C ALA A 334 3.64 31.48 -4.20
N ASP A 335 4.44 30.62 -3.54
CA ASP A 335 4.88 29.39 -4.18
C ASP A 335 3.73 28.49 -4.55
N ASP A 336 2.96 28.00 -3.57
CA ASP A 336 1.76 27.25 -3.86
C ASP A 336 0.83 28.03 -4.76
N LYS A 337 0.86 29.36 -4.67
CA LYS A 337 0.07 30.25 -5.50
C LYS A 337 0.64 30.37 -6.90
N TYR A 338 1.85 29.87 -7.13
CA TYR A 338 2.37 29.61 -8.47
C TYR A 338 2.97 28.23 -8.61
N HIS A 339 2.70 27.32 -7.66
CA HIS A 339 3.21 25.96 -7.77
C HIS A 339 2.65 25.28 -9.01
N GLY A 340 1.34 25.02 -9.00
CA GLY A 340 0.70 24.47 -10.17
C GLY A 340 0.20 25.59 -11.05
N VAL A 341 1.05 26.59 -11.28
CA VAL A 341 0.61 27.80 -11.97
C VAL A 341 0.30 27.49 -13.43
N VAL A 342 -0.91 27.87 -13.86
CA VAL A 342 -1.28 27.83 -15.26
C VAL A 342 -0.47 28.87 -16.03
N LYS A 343 -0.51 28.82 -17.36
CA LYS A 343 0.21 29.78 -18.18
C LYS A 343 -0.02 31.19 -17.67
N PHE A 344 1.04 31.79 -17.11
CA PHE A 344 0.88 33.02 -16.35
C PHE A 344 1.70 34.12 -16.99
N ASP A 345 1.40 35.35 -16.60
CA ASP A 345 2.14 36.51 -17.09
C ASP A 345 3.50 36.55 -16.43
N PRO A 346 4.60 36.37 -17.19
CA PRO A 346 5.93 36.30 -16.56
C PRO A 346 6.34 37.60 -15.88
N ALA A 347 5.53 38.65 -16.04
CA ALA A 347 5.82 39.94 -15.45
C ALA A 347 5.00 40.26 -14.22
N THR A 348 3.78 39.73 -14.11
CA THR A 348 2.93 40.00 -12.96
C THR A 348 2.40 38.74 -12.28
N GLY A 349 2.57 37.58 -12.89
CA GLY A 349 2.03 36.36 -12.33
C GLY A 349 0.56 36.14 -12.68
N ARG A 350 0.01 37.04 -13.48
CA ARG A 350 -1.41 36.96 -13.86
C ARG A 350 -1.72 35.58 -14.40
N GLN A 351 -2.84 35.02 -13.97
CA GLN A 351 -3.30 33.75 -14.50
C GLN A 351 -4.71 33.94 -15.05
N PHE A 352 -5.19 32.89 -15.72
CA PHE A 352 -6.49 32.94 -16.39
C PHE A 352 -7.60 32.72 -15.37
N LYS A 353 -8.47 33.72 -15.23
CA LYS A 353 -9.68 33.63 -14.43
C LYS A 353 -10.89 33.18 -15.23
N THR A 354 -10.69 32.58 -16.41
CA THR A 354 -11.83 32.28 -17.28
C THR A 354 -12.66 31.09 -16.79
N THR A 355 -12.22 30.40 -15.73
CA THR A 355 -12.90 29.19 -15.29
C THR A 355 -14.04 29.51 -14.33
N ASN A 356 -14.36 30.79 -14.16
CA ASN A 356 -15.36 31.23 -13.20
C ASN A 356 -16.79 31.10 -13.71
N LYS A 357 -17.01 30.37 -14.80
CA LYS A 357 -18.37 30.08 -15.24
C LYS A 357 -18.93 28.85 -14.55
N THR A 358 -18.27 27.71 -14.72
CA THR A 358 -18.55 26.50 -13.97
C THR A 358 -17.32 26.07 -13.20
N GLN A 359 -17.51 25.69 -11.95
CA GLN A 359 -16.40 25.35 -11.06
C GLN A 359 -16.06 23.88 -11.24
N SER A 360 -14.89 23.50 -10.77
CA SER A 360 -14.46 22.11 -10.82
C SER A 360 -15.25 21.27 -9.82
N TYR A 361 -15.27 19.96 -10.08
CA TYR A 361 -15.85 19.02 -9.14
C TYR A 361 -15.22 19.12 -7.77
N THR A 362 -13.89 19.23 -7.70
CA THR A 362 -13.21 19.35 -6.42
C THR A 362 -13.72 20.56 -5.63
N THR A 363 -13.98 21.67 -6.32
CA THR A 363 -14.69 22.76 -5.67
C THR A 363 -16.13 22.38 -5.41
N TYR A 364 -16.78 21.73 -6.39
CA TYR A 364 -18.16 21.32 -6.24
C TYR A 364 -18.36 20.32 -5.10
N PHE A 365 -17.27 19.88 -4.49
CA PHE A 365 -17.34 18.90 -3.42
C PHE A 365 -17.20 19.56 -2.06
N ALA A 366 -16.13 20.33 -1.84
CA ALA A 366 -15.95 21.01 -0.57
C ALA A 366 -16.94 22.15 -0.39
N GLU A 367 -17.34 22.78 -1.49
CA GLU A 367 -18.49 23.67 -1.46
C GLU A 367 -19.69 22.97 -0.84
N ALA A 368 -19.87 21.70 -1.14
CA ALA A 368 -21.12 21.02 -0.83
C ALA A 368 -21.02 20.26 0.49
N LEU A 369 -19.87 19.64 0.77
CA LEU A 369 -19.73 18.88 2.00
C LEU A 369 -20.05 19.73 3.22
N VAL A 370 -19.74 21.02 3.17
CA VAL A 370 -20.07 21.89 4.30
C VAL A 370 -21.58 21.95 4.50
N ALA A 371 -22.35 21.77 3.42
CA ALA A 371 -23.80 21.73 3.56
C ALA A 371 -24.27 20.49 4.30
N GLU A 372 -23.40 19.50 4.48
CA GLU A 372 -23.68 18.40 5.39
C GLU A 372 -22.87 18.51 6.67
N ALA A 373 -21.78 19.27 6.64
CA ALA A 373 -21.00 19.44 7.86
C ALA A 373 -21.64 20.42 8.83
N GLU A 374 -22.40 21.40 8.32
CA GLU A 374 -23.08 22.33 9.21
C GLU A 374 -24.24 21.65 9.91
N VAL A 375 -25.03 20.86 9.18
CA VAL A 375 -26.21 20.23 9.76
C VAL A 375 -25.89 18.94 10.51
N ASP A 376 -24.61 18.60 10.68
CA ASP A 376 -24.26 17.34 11.32
C ASP A 376 -23.04 17.54 12.19
N LYS A 377 -22.94 16.67 13.21
CA LYS A 377 -21.97 16.85 14.29
C LYS A 377 -20.64 16.19 13.95
N ASP A 378 -20.67 14.92 13.55
CA ASP A 378 -19.43 14.18 13.37
C ASP A 378 -19.08 13.92 11.90
N VAL A 379 -19.58 14.72 10.96
CA VAL A 379 -19.08 14.62 9.60
C VAL A 379 -17.67 15.19 9.55
N VAL A 380 -16.71 14.36 9.19
CA VAL A 380 -15.31 14.75 9.11
C VAL A 380 -14.75 14.27 7.78
N ALA A 381 -13.97 15.12 7.13
CA ALA A 381 -13.33 14.76 5.88
C ALA A 381 -11.86 14.43 6.13
N ILE A 382 -11.32 13.50 5.34
CA ILE A 382 -9.94 13.09 5.47
C ILE A 382 -9.26 13.24 4.12
N HIS A 383 -8.07 13.83 4.14
CA HIS A 383 -7.33 14.12 2.92
C HIS A 383 -5.84 13.94 3.19
N ALA A 384 -5.12 13.44 2.20
CA ALA A 384 -3.66 13.37 2.26
C ALA A 384 -3.04 14.50 1.43
N ALA A 385 -3.06 15.70 2.01
CA ALA A 385 -2.43 16.89 1.43
C ALA A 385 -2.88 17.18 0.01
N MET A 386 -4.07 16.73 -0.37
CA MET A 386 -4.64 17.11 -1.65
C MET A 386 -5.70 18.18 -1.52
N GLY A 387 -5.57 19.06 -0.53
CA GLY A 387 -6.56 20.07 -0.25
C GLY A 387 -6.99 20.87 -1.45
N GLY A 388 -6.09 21.69 -1.98
CA GLY A 388 -6.41 22.46 -3.17
C GLY A 388 -6.90 21.58 -4.29
N GLY A 389 -6.25 20.45 -4.50
CA GLY A 389 -6.64 19.55 -5.56
C GLY A 389 -7.96 18.87 -5.27
N THR A 390 -8.49 19.10 -4.07
CA THR A 390 -9.79 18.56 -3.72
C THR A 390 -10.73 19.67 -3.27
N GLY A 391 -10.25 20.91 -3.32
CA GLY A 391 -11.03 22.04 -2.88
C GLY A 391 -11.36 22.07 -1.41
N LEU A 392 -10.93 21.08 -0.62
CA LEU A 392 -11.39 20.93 0.75
C LEU A 392 -10.96 22.06 1.67
N ASN A 393 -10.27 23.08 1.14
CA ASN A 393 -10.07 24.29 1.93
C ASN A 393 -11.38 25.00 2.19
N LEU A 394 -12.39 24.80 1.33
CA LEU A 394 -13.73 25.25 1.66
C LEU A 394 -14.26 24.58 2.92
N PHE A 395 -13.59 23.53 3.38
CA PHE A 395 -14.03 22.76 4.52
C PHE A 395 -13.16 22.95 5.76
N GLN A 396 -11.87 23.22 5.60
CA GLN A 396 -10.95 23.15 6.73
C GLN A 396 -11.14 24.30 7.69
N ARG A 397 -10.91 25.53 7.25
CA ARG A 397 -10.97 26.66 8.17
C ARG A 397 -12.39 26.95 8.61
N ARG A 398 -13.38 26.47 7.86
CA ARG A 398 -14.77 26.55 8.30
C ARG A 398 -14.98 25.70 9.55
N PHE A 399 -14.52 24.44 9.51
CA PHE A 399 -14.60 23.51 10.63
C PHE A 399 -13.19 23.13 11.02
N PRO A 400 -12.50 23.99 11.78
CA PRO A 400 -11.07 23.74 12.05
C PRO A 400 -10.81 22.46 12.82
N THR A 401 -11.85 21.72 13.20
CA THR A 401 -11.68 20.47 13.92
C THR A 401 -12.44 19.32 13.29
N ARG A 402 -12.81 19.42 12.02
CA ARG A 402 -13.40 18.31 11.30
C ARG A 402 -12.74 18.10 9.93
N CYS A 403 -11.54 18.60 9.74
CA CYS A 403 -10.72 18.31 8.57
C CYS A 403 -9.27 18.12 9.02
N PHE A 404 -8.67 17.02 8.59
CA PHE A 404 -7.43 16.55 9.20
C PHE A 404 -6.32 16.43 8.16
N ASP A 405 -5.11 16.81 8.57
CA ASP A 405 -3.92 16.74 7.73
C ASP A 405 -3.01 15.60 8.17
N VAL A 406 -2.79 14.66 7.26
CA VAL A 406 -2.09 13.42 7.59
C VAL A 406 -0.77 13.35 6.83
N GLY A 407 -0.41 14.42 6.14
CA GLY A 407 0.68 14.32 5.19
C GLY A 407 0.23 13.47 4.01
N ILE A 408 1.18 13.16 3.12
CA ILE A 408 0.87 12.29 1.98
C ILE A 408 1.16 10.86 2.40
N ALA A 409 0.19 10.23 3.05
CA ALA A 409 0.28 8.83 3.42
C ALA A 409 -1.14 8.26 3.31
N GLU A 410 -1.48 7.77 2.12
CA GLU A 410 -2.84 7.32 1.91
C GLU A 410 -3.18 6.14 2.81
N GLN A 411 -2.17 5.39 3.24
CA GLN A 411 -2.44 4.27 4.13
C GLN A 411 -2.84 4.77 5.50
N HIS A 412 -2.02 5.61 6.13
CA HIS A 412 -2.32 6.08 7.47
C HIS A 412 -3.67 6.78 7.52
N ALA A 413 -4.08 7.38 6.40
CA ALA A 413 -5.36 8.05 6.37
C ALA A 413 -6.51 7.06 6.43
N VAL A 414 -6.56 6.14 5.47
CA VAL A 414 -7.76 5.32 5.27
C VAL A 414 -8.11 4.53 6.53
N THR A 415 -7.14 4.28 7.41
CA THR A 415 -7.50 3.70 8.70
C THR A 415 -7.81 4.77 9.73
N PHE A 416 -7.00 5.82 9.80
CA PHE A 416 -7.39 6.98 10.59
C PHE A 416 -8.81 7.39 10.26
N ALA A 417 -9.27 7.10 9.05
CA ALA A 417 -10.70 7.14 8.79
C ALA A 417 -11.42 6.09 9.62
N ALA A 418 -11.13 4.81 9.37
CA ALA A 418 -11.80 3.75 10.11
C ALA A 418 -11.59 3.88 11.60
N GLY A 419 -10.37 4.23 12.03
CA GLY A 419 -10.11 4.46 13.45
C GLY A 419 -11.03 5.50 14.05
N LEU A 420 -11.49 6.45 13.22
CA LEU A 420 -12.55 7.33 13.66
C LEU A 420 -13.92 6.72 13.41
N ALA A 421 -14.06 5.89 12.37
CA ALA A 421 -15.36 5.36 12.03
C ALA A 421 -15.87 4.38 13.07
N CYS A 422 -15.02 3.95 14.00
CA CYS A 422 -15.48 3.10 15.07
C CYS A 422 -15.99 3.90 16.27
N GLU A 423 -15.71 5.19 16.31
CA GLU A 423 -16.26 6.06 17.34
C GLU A 423 -17.66 6.53 17.01
N GLY A 424 -18.35 5.83 16.11
CA GLY A 424 -19.65 6.29 15.68
C GLY A 424 -19.63 7.52 14.81
N LEU A 425 -18.45 8.11 14.58
CA LEU A 425 -18.30 9.25 13.71
C LEU A 425 -18.61 8.84 12.28
N LYS A 426 -18.51 9.80 11.37
CA LYS A 426 -18.68 9.52 9.96
C LYS A 426 -17.53 10.11 9.17
N PRO A 427 -16.29 9.72 9.47
CA PRO A 427 -15.14 10.34 8.81
C PRO A 427 -15.03 9.82 7.38
N PHE A 428 -14.83 10.73 6.44
CA PHE A 428 -14.96 10.42 5.03
C PHE A 428 -13.76 10.94 4.26
N CYS A 429 -13.19 10.09 3.40
CA CYS A 429 -11.87 10.28 2.81
C CYS A 429 -11.96 10.87 1.41
N ALA A 430 -11.13 11.88 1.15
CA ALA A 430 -10.96 12.45 -0.17
C ALA A 430 -9.53 12.16 -0.61
N ILE A 431 -9.39 11.23 -1.55
CA ILE A 431 -8.10 10.74 -2.00
C ILE A 431 -8.22 10.37 -3.48
N TYR A 432 -7.20 10.73 -4.25
CA TYR A 432 -7.23 10.60 -5.70
C TYR A 432 -7.36 9.15 -6.14
N SER A 433 -8.12 8.93 -7.22
CA SER A 433 -8.37 7.58 -7.72
C SER A 433 -7.10 6.79 -7.93
N SER A 434 -6.05 7.41 -8.44
CA SER A 434 -4.79 6.70 -8.53
C SER A 434 -4.15 6.57 -7.16
N PHE A 435 -4.16 7.64 -6.36
CA PHE A 435 -3.44 7.61 -5.10
C PHE A 435 -4.06 6.68 -4.07
N MET A 436 -5.22 6.10 -4.36
CA MET A 436 -5.80 5.15 -3.42
C MET A 436 -4.97 3.88 -3.32
N GLN A 437 -4.59 3.30 -4.45
CA GLN A 437 -3.79 2.08 -4.45
C GLN A 437 -2.61 2.15 -3.51
N ARG A 438 -2.13 3.35 -3.19
CA ARG A 438 -1.13 3.51 -2.16
C ARG A 438 -1.59 2.86 -0.85
N ALA A 439 -2.89 2.74 -0.67
CA ALA A 439 -3.47 2.25 0.58
C ALA A 439 -4.41 1.07 0.40
N TYR A 440 -4.42 0.45 -0.77
CA TYR A 440 -5.41 -0.58 -1.06
C TYR A 440 -5.42 -1.71 -0.04
N ASP A 441 -4.38 -1.82 0.78
CA ASP A 441 -4.40 -2.81 1.86
C ASP A 441 -5.53 -2.50 2.83
N GLN A 442 -5.49 -1.32 3.43
CA GLN A 442 -6.42 -0.98 4.49
C GLN A 442 -7.86 -0.97 4.01
N VAL A 443 -8.11 -0.50 2.79
CA VAL A 443 -9.46 -0.54 2.24
C VAL A 443 -9.95 -1.97 2.18
N VAL A 444 -9.05 -2.92 1.99
CA VAL A 444 -9.46 -4.31 1.87
C VAL A 444 -9.67 -4.91 3.25
N HIS A 445 -8.70 -4.70 4.14
CA HIS A 445 -8.69 -5.40 5.43
C HIS A 445 -9.22 -4.53 6.55
N ASP A 446 -8.56 -3.41 6.82
CA ASP A 446 -8.89 -2.61 7.98
C ASP A 446 -10.23 -1.90 7.88
N VAL A 447 -10.95 -2.06 6.77
CA VAL A 447 -12.26 -1.43 6.68
C VAL A 447 -13.33 -2.46 6.33
N ASP A 448 -13.21 -3.09 5.17
CA ASP A 448 -14.31 -3.94 4.71
C ASP A 448 -14.45 -5.20 5.55
N LEU A 449 -13.37 -5.64 6.20
CA LEU A 449 -13.50 -6.72 7.16
C LEU A 449 -14.06 -6.22 8.47
N GLN A 450 -13.88 -4.94 8.77
CA GLN A 450 -14.49 -4.32 9.93
C GLN A 450 -15.84 -3.70 9.61
N LYS A 451 -16.19 -3.60 8.32
CA LYS A 451 -17.42 -2.95 7.88
C LYS A 451 -17.56 -1.57 8.47
N LEU A 452 -16.45 -0.93 8.80
CA LEU A 452 -16.51 0.38 9.40
C LEU A 452 -17.08 1.40 8.42
N PRO A 453 -17.73 2.42 8.92
CA PRO A 453 -18.34 3.45 8.07
C PRO A 453 -17.35 4.51 7.59
N VAL A 454 -16.70 4.25 6.45
CA VAL A 454 -15.81 5.22 5.83
C VAL A 454 -16.27 5.41 4.38
N ARG A 455 -16.58 6.65 4.03
CA ARG A 455 -16.87 7.01 2.65
C ARG A 455 -15.63 7.60 1.99
N PHE A 456 -15.35 7.14 0.77
CA PHE A 456 -14.15 7.54 0.06
C PHE A 456 -14.52 8.51 -1.05
N ALA A 457 -13.72 9.54 -1.24
CA ALA A 457 -13.87 10.44 -2.37
C ALA A 457 -12.69 10.26 -3.31
N MET A 458 -12.82 9.34 -4.25
CA MET A 458 -11.78 9.05 -5.23
C MET A 458 -11.78 10.20 -6.22
N ASP A 459 -10.95 11.20 -5.93
CA ASP A 459 -10.76 12.34 -6.80
C ASP A 459 -9.92 11.94 -8.02
N ARG A 460 -9.86 12.83 -8.99
CA ARG A 460 -9.05 12.64 -10.19
C ARG A 460 -9.35 11.31 -10.88
N ALA A 461 -10.61 11.04 -11.17
CA ALA A 461 -10.95 9.74 -11.72
C ALA A 461 -10.33 9.55 -13.09
N GLY A 462 -9.69 8.39 -13.26
CA GLY A 462 -9.19 7.95 -14.55
C GLY A 462 -8.29 8.95 -15.26
N LEU A 463 -8.74 9.43 -16.42
CA LEU A 463 -7.94 10.30 -17.26
C LEU A 463 -7.72 11.63 -16.58
N VAL A 464 -6.52 11.85 -16.08
CA VAL A 464 -6.20 13.11 -15.41
C VAL A 464 -5.85 14.22 -16.40
N GLY A 465 -5.56 13.89 -17.65
CA GLY A 465 -5.31 14.90 -18.65
C GLY A 465 -3.82 15.12 -18.87
N ALA A 466 -3.32 16.25 -18.41
CA ALA A 466 -1.98 16.69 -18.75
C ALA A 466 -0.93 16.31 -17.72
N ASP A 467 -1.08 15.21 -16.99
CA ASP A 467 -0.05 14.78 -16.05
C ASP A 467 0.44 13.36 -16.27
N GLY A 468 0.04 12.71 -17.36
CA GLY A 468 0.55 11.39 -17.67
C GLY A 468 -0.15 10.31 -16.89
N PRO A 469 0.03 9.06 -17.32
CA PRO A 469 -0.64 7.94 -16.65
C PRO A 469 -0.17 7.72 -15.22
N THR A 470 0.87 8.41 -14.77
CA THR A 470 1.32 8.30 -13.38
C THR A 470 0.29 8.94 -12.46
N HIS A 471 -0.83 9.38 -13.03
CA HIS A 471 -1.98 9.72 -12.23
C HIS A 471 -3.26 9.11 -12.79
N CYS A 472 -3.19 8.30 -13.84
CA CYS A 472 -4.40 7.79 -14.44
C CYS A 472 -5.02 6.77 -13.51
N GLY A 473 -5.91 7.23 -12.63
CA GLY A 473 -6.51 6.36 -11.65
C GLY A 473 -7.62 5.51 -12.22
N ALA A 474 -7.38 4.87 -13.36
CA ALA A 474 -8.40 4.05 -14.00
C ALA A 474 -8.36 2.62 -13.49
N PHE A 475 -8.35 2.47 -12.17
CA PHE A 475 -8.40 1.16 -11.54
C PHE A 475 -9.37 1.16 -10.37
N ASP A 476 -9.83 2.35 -9.98
CA ASP A 476 -10.65 2.50 -8.79
C ASP A 476 -11.87 1.60 -8.86
N VAL A 477 -12.53 1.55 -10.01
CA VAL A 477 -13.67 0.65 -10.15
C VAL A 477 -13.22 -0.80 -10.10
N THR A 478 -11.94 -1.05 -10.37
CA THR A 478 -11.45 -2.43 -10.30
C THR A 478 -11.12 -2.83 -8.88
N PHE A 479 -10.19 -2.13 -8.23
CA PHE A 479 -9.70 -2.65 -6.96
C PHE A 479 -10.71 -2.46 -5.84
N MET A 480 -11.49 -1.37 -5.86
CA MET A 480 -12.51 -1.19 -4.84
C MET A 480 -13.69 -2.13 -5.06
N ALA A 481 -14.37 -2.00 -6.19
CA ALA A 481 -15.65 -2.65 -6.40
C ALA A 481 -15.59 -4.16 -6.32
N CYS A 482 -14.42 -4.77 -6.20
CA CYS A 482 -14.34 -6.20 -5.99
C CYS A 482 -14.58 -6.58 -4.54
N LEU A 483 -14.50 -5.62 -3.62
CA LEU A 483 -14.60 -5.92 -2.20
C LEU A 483 -16.05 -6.11 -1.80
N PRO A 484 -16.35 -7.09 -0.95
CA PRO A 484 -17.62 -7.08 -0.23
C PRO A 484 -17.64 -5.94 0.79
N ASN A 485 -18.86 -5.52 1.15
CA ASN A 485 -19.17 -4.52 2.17
C ASN A 485 -18.92 -3.09 1.71
N MET A 486 -18.41 -2.86 0.51
CA MET A 486 -18.09 -1.51 0.06
C MET A 486 -19.06 -1.09 -1.02
N ILE A 487 -19.54 0.16 -0.94
CA ILE A 487 -20.47 0.69 -1.93
C ILE A 487 -19.72 1.64 -2.85
N VAL A 488 -19.92 1.48 -4.15
CA VAL A 488 -19.20 2.25 -5.15
C VAL A 488 -20.18 3.14 -5.89
N MET A 489 -19.91 4.44 -5.85
CA MET A 489 -20.79 5.42 -6.47
C MET A 489 -19.95 6.40 -7.27
N ALA A 490 -20.50 6.85 -8.39
CA ALA A 490 -19.83 7.87 -9.19
C ALA A 490 -20.84 8.83 -9.79
N PRO A 491 -20.56 10.13 -9.76
CA PRO A 491 -21.54 11.13 -10.18
C PRO A 491 -21.71 11.19 -11.70
N SER A 492 -22.49 12.20 -12.10
CA SER A 492 -22.68 12.58 -13.49
C SER A 492 -22.47 14.07 -13.72
N ASP A 493 -22.56 14.86 -12.66
CA ASP A 493 -22.56 16.32 -12.71
C ASP A 493 -22.42 16.78 -11.27
N GLU A 494 -22.54 18.08 -11.03
CA GLU A 494 -22.49 18.52 -9.65
C GLU A 494 -23.73 18.09 -8.86
N ALA A 495 -24.87 17.99 -9.53
CA ALA A 495 -26.09 17.58 -8.84
C ALA A 495 -25.94 16.18 -8.28
N ASP A 496 -25.73 15.21 -9.16
CA ASP A 496 -25.55 13.83 -8.72
C ASP A 496 -24.37 13.71 -7.76
N LEU A 497 -23.36 14.56 -7.94
CA LEU A 497 -22.24 14.57 -7.01
C LEU A 497 -22.76 14.71 -5.59
N PHE A 498 -23.54 15.75 -5.33
CA PHE A 498 -24.04 15.95 -3.99
C PHE A 498 -25.38 15.29 -3.73
N ASN A 499 -26.12 14.90 -4.78
CA ASN A 499 -27.25 14.01 -4.54
C ASN A 499 -26.81 12.71 -3.91
N MET A 500 -25.53 12.35 -4.06
CA MET A 500 -25.05 11.11 -3.48
C MET A 500 -24.33 11.37 -2.17
N VAL A 501 -23.64 12.49 -2.03
CA VAL A 501 -23.02 12.81 -0.74
C VAL A 501 -24.08 12.88 0.34
N ALA A 502 -25.30 13.26 -0.03
CA ALA A 502 -26.41 13.20 0.92
C ALA A 502 -26.73 11.76 1.28
N THR A 503 -26.30 10.80 0.45
CA THR A 503 -26.48 9.40 0.80
C THR A 503 -25.29 8.87 1.58
N ALA A 504 -24.09 9.02 1.05
CA ALA A 504 -22.92 8.40 1.64
C ALA A 504 -22.47 9.09 2.92
N VAL A 505 -23.10 10.21 3.28
CA VAL A 505 -22.95 10.74 4.62
C VAL A 505 -24.11 10.28 5.48
N ALA A 506 -25.23 9.97 4.85
CA ALA A 506 -26.37 9.43 5.59
C ALA A 506 -26.07 8.04 6.11
N ILE A 507 -25.62 7.14 5.23
CA ILE A 507 -25.36 5.76 5.63
C ILE A 507 -24.05 5.67 6.39
N ASP A 508 -24.06 4.94 7.51
CA ASP A 508 -22.84 4.65 8.25
C ASP A 508 -22.85 3.23 8.80
N ASP A 509 -23.59 2.33 8.15
CA ASP A 509 -23.53 0.92 8.52
C ASP A 509 -22.33 0.23 7.91
N ARG A 510 -21.63 0.88 7.00
CA ARG A 510 -20.63 0.23 6.16
C ARG A 510 -19.82 1.31 5.44
N PRO A 511 -18.78 0.95 4.69
CA PRO A 511 -18.06 1.96 3.92
C PRO A 511 -18.62 2.15 2.51
N SER A 512 -18.20 3.24 1.89
CA SER A 512 -18.61 3.58 0.54
C SER A 512 -17.53 4.44 -0.09
N CYS A 513 -17.68 4.77 -1.37
CA CYS A 513 -16.63 5.48 -2.08
C CYS A 513 -17.20 6.29 -3.22
N PHE A 514 -16.56 7.44 -3.47
CA PHE A 514 -16.99 8.40 -4.49
C PHE A 514 -15.97 8.46 -5.61
N ARG A 515 -16.42 8.23 -6.83
CA ARG A 515 -15.52 8.29 -7.98
C ARG A 515 -15.89 9.48 -8.87
N TYR A 516 -15.35 10.65 -8.55
CA TYR A 516 -15.70 11.79 -9.38
C TYR A 516 -14.51 12.24 -10.20
N PRO A 517 -14.73 12.55 -11.48
CA PRO A 517 -13.62 12.96 -12.34
C PRO A 517 -13.15 14.35 -12.00
N ARG A 518 -12.24 14.84 -12.84
CA ARG A 518 -11.77 16.21 -12.72
C ARG A 518 -12.20 16.99 -13.95
N GLY A 519 -12.93 18.09 -13.75
CA GLY A 519 -13.46 18.83 -14.89
C GLY A 519 -14.64 19.72 -14.54
N ASN A 520 -15.70 19.61 -15.33
CA ASN A 520 -16.87 20.46 -15.18
C ASN A 520 -18.14 19.71 -15.54
N GLY A 521 -19.27 20.36 -15.32
CA GLY A 521 -20.57 19.83 -15.67
C GLY A 521 -21.62 20.90 -15.88
N ILE A 522 -22.80 20.67 -15.33
CA ILE A 522 -23.88 21.66 -15.27
C ILE A 522 -24.50 21.59 -13.88
N GLY A 523 -24.12 22.51 -13.00
CA GLY A 523 -24.46 22.34 -11.59
C GLY A 523 -25.47 23.29 -10.99
N VAL A 524 -26.65 22.77 -10.67
CA VAL A 524 -27.60 23.49 -9.83
C VAL A 524 -26.99 23.66 -8.45
N ALA A 525 -27.46 24.67 -7.71
CA ALA A 525 -26.78 25.08 -6.50
C ALA A 525 -26.91 24.03 -5.41
N LEU A 526 -26.43 24.38 -4.20
CA LEU A 526 -26.35 23.55 -3.00
C LEU A 526 -27.72 22.98 -2.66
N PRO A 527 -27.82 22.03 -1.72
CA PRO A 527 -29.14 21.59 -1.28
C PRO A 527 -30.06 22.76 -0.90
N PRO A 528 -29.50 23.93 -0.50
CA PRO A 528 -30.28 25.17 -0.64
C PRO A 528 -30.95 25.25 -2.00
N GLY A 529 -30.18 25.17 -3.07
CA GLY A 529 -30.75 25.13 -4.41
C GLY A 529 -31.08 23.71 -4.80
N ASN A 530 -31.41 22.87 -3.82
CA ASN A 530 -31.92 21.52 -4.05
C ASN A 530 -30.93 20.65 -4.83
N LYS A 531 -29.81 20.30 -4.18
CA LYS A 531 -28.95 19.27 -4.74
C LYS A 531 -28.53 18.22 -3.71
N GLY A 532 -28.87 18.42 -2.44
CA GLY A 532 -28.48 17.48 -1.40
C GLY A 532 -29.56 16.47 -1.07
N VAL A 533 -30.24 15.96 -2.09
CA VAL A 533 -31.33 15.00 -1.90
C VAL A 533 -30.72 13.59 -1.92
N PRO A 534 -30.66 12.90 -0.79
CA PRO A 534 -30.12 11.54 -0.81
C PRO A 534 -31.00 10.62 -1.64
N ILE A 535 -30.37 9.61 -2.21
CA ILE A 535 -31.02 8.70 -3.13
C ILE A 535 -30.81 7.27 -2.63
N GLU A 536 -31.72 6.38 -3.00
CA GLU A 536 -31.74 5.03 -2.48
C GLU A 536 -30.45 4.30 -2.80
N ILE A 537 -29.83 3.72 -1.77
CA ILE A 537 -28.60 2.98 -1.95
C ILE A 537 -28.83 1.84 -2.93
N GLY A 538 -28.06 1.82 -4.00
CA GLY A 538 -28.20 0.80 -5.00
C GLY A 538 -29.25 1.09 -6.05
N LYS A 539 -29.64 2.36 -6.21
CA LYS A 539 -30.63 2.73 -7.20
C LYS A 539 -29.95 3.48 -8.34
N GLY A 540 -30.20 3.03 -9.56
CA GLY A 540 -29.63 3.67 -10.73
C GLY A 540 -30.37 4.93 -11.13
N ARG A 541 -30.12 5.43 -12.34
CA ARG A 541 -30.74 6.67 -12.79
C ARG A 541 -30.78 6.73 -14.30
N ILE A 542 -31.94 6.44 -14.89
CA ILE A 542 -32.07 6.57 -16.34
C ILE A 542 -32.05 8.04 -16.71
N LEU A 543 -31.18 8.39 -17.67
CA LEU A 543 -30.99 9.78 -18.06
C LEU A 543 -31.44 10.08 -19.47
N LYS A 544 -32.05 9.12 -20.17
CA LYS A 544 -32.42 9.32 -21.56
C LYS A 544 -33.32 8.16 -21.95
N GLU A 545 -33.97 8.29 -23.11
CA GLU A 545 -34.95 7.31 -23.52
C GLU A 545 -34.52 6.69 -24.85
N GLY A 546 -34.40 5.37 -24.86
CA GLY A 546 -33.90 4.70 -26.04
C GLY A 546 -33.97 3.20 -25.94
N GLU A 547 -34.51 2.57 -26.97
CA GLU A 547 -35.01 1.21 -26.85
C GLU A 547 -34.38 0.21 -27.81
N ARG A 548 -33.86 0.64 -28.96
CA ARG A 548 -33.20 -0.31 -29.86
C ARG A 548 -31.83 -0.70 -29.31
N VAL A 549 -31.22 0.17 -28.52
CA VAL A 549 -29.87 -0.01 -28.00
C VAL A 549 -29.82 0.59 -26.61
N ALA A 550 -28.98 0.03 -25.75
CA ALA A 550 -28.81 0.55 -24.41
C ALA A 550 -27.49 1.29 -24.30
N LEU A 551 -27.20 1.74 -23.09
CA LEU A 551 -25.94 2.39 -22.76
C LEU A 551 -25.89 2.62 -21.26
N LEU A 552 -24.70 2.49 -20.69
CA LEU A 552 -24.52 2.59 -19.25
C LEU A 552 -23.31 3.45 -18.96
N GLY A 553 -22.86 3.43 -17.72
CA GLY A 553 -21.58 4.02 -17.37
C GLY A 553 -21.75 5.05 -16.28
N TYR A 554 -20.60 5.49 -15.76
CA TYR A 554 -20.60 6.51 -14.73
C TYR A 554 -19.21 7.11 -14.60
N GLY A 555 -19.04 7.97 -13.61
CA GLY A 555 -17.88 8.85 -13.60
C GLY A 555 -18.09 9.92 -14.65
N SER A 556 -17.00 10.48 -15.15
CA SER A 556 -17.12 11.42 -16.26
C SER A 556 -17.80 10.79 -17.46
N ALA A 557 -17.96 9.46 -17.45
CA ALA A 557 -18.31 8.76 -18.68
C ALA A 557 -19.74 9.05 -19.11
N VAL A 558 -20.65 9.23 -18.17
CA VAL A 558 -22.04 9.41 -18.55
C VAL A 558 -22.25 10.75 -19.24
N GLN A 559 -21.47 11.78 -18.87
CA GLN A 559 -21.50 13.01 -19.65
C GLN A 559 -21.10 12.72 -21.08
N SER A 560 -20.03 11.95 -21.25
CA SER A 560 -19.64 11.50 -22.57
C SER A 560 -20.70 10.60 -23.16
N CYS A 561 -21.39 9.83 -22.32
CA CYS A 561 -22.53 9.06 -22.83
C CYS A 561 -23.63 9.98 -23.32
N LEU A 562 -23.99 10.99 -22.53
CA LEU A 562 -24.78 12.08 -23.07
C LEU A 562 -24.18 12.58 -24.38
N GLY A 563 -22.89 12.93 -24.33
CA GLY A 563 -22.20 13.31 -25.55
C GLY A 563 -22.12 12.20 -26.57
N ALA A 564 -22.27 10.95 -26.14
CA ALA A 564 -22.21 9.85 -27.09
C ALA A 564 -23.39 9.92 -28.04
N ALA A 565 -24.54 10.36 -27.55
CA ALA A 565 -25.71 10.42 -28.40
C ALA A 565 -25.65 11.53 -29.42
N VAL A 566 -24.71 12.47 -29.30
CA VAL A 566 -24.76 13.66 -30.16
C VAL A 566 -24.76 13.22 -31.62
N MET A 567 -23.97 12.22 -31.97
CA MET A 567 -24.07 11.64 -33.28
C MET A 567 -24.99 10.43 -33.30
N LEU A 568 -25.71 10.20 -32.21
CA LEU A 568 -26.62 9.07 -32.09
C LEU A 568 -28.06 9.50 -31.88
N GLU A 569 -28.30 10.57 -31.11
CA GLU A 569 -29.67 10.93 -30.75
C GLU A 569 -30.50 11.21 -31.98
N GLU A 570 -29.87 11.60 -33.08
CA GLU A 570 -30.58 11.92 -34.30
C GLU A 570 -30.92 10.69 -35.12
N ARG A 571 -30.91 9.51 -34.49
CA ARG A 571 -31.19 8.25 -35.17
C ARG A 571 -32.45 7.59 -34.59
N GLY A 572 -33.42 8.41 -34.18
CA GLY A 572 -34.59 7.90 -33.49
C GLY A 572 -34.38 7.57 -32.03
N LEU A 573 -33.31 8.08 -31.42
CA LEU A 573 -32.91 7.74 -30.06
C LEU A 573 -32.87 6.22 -29.86
N ASN A 574 -32.07 5.56 -30.70
CA ASN A 574 -31.66 4.20 -30.41
C ASN A 574 -31.06 4.07 -29.03
N VAL A 575 -30.46 5.14 -28.52
CA VAL A 575 -29.70 5.13 -27.29
C VAL A 575 -30.59 5.53 -26.13
N THR A 576 -30.52 4.76 -25.05
CA THR A 576 -30.84 5.32 -23.75
C THR A 576 -29.59 5.32 -22.90
N VAL A 577 -29.51 6.29 -22.00
CA VAL A 577 -28.36 6.43 -21.13
C VAL A 577 -28.82 6.21 -19.71
N ALA A 578 -28.10 5.38 -18.98
CA ALA A 578 -28.45 5.06 -17.60
C ALA A 578 -27.24 5.24 -16.71
N ASP A 579 -27.15 6.38 -16.05
CA ASP A 579 -26.07 6.58 -15.10
C ASP A 579 -26.37 5.76 -13.86
N ALA A 580 -26.09 4.47 -13.92
CA ALA A 580 -26.29 3.57 -12.78
C ALA A 580 -25.22 3.82 -11.73
N ARG A 581 -25.30 5.00 -11.11
CA ARG A 581 -24.26 5.54 -10.25
C ARG A 581 -23.71 4.55 -9.25
N PHE A 582 -24.50 3.55 -8.88
CA PHE A 582 -24.06 2.53 -7.94
C PHE A 582 -23.37 1.41 -8.72
N CYS A 583 -22.06 1.26 -8.49
CA CYS A 583 -21.32 0.14 -9.06
C CYS A 583 -21.42 -1.13 -8.24
N LYS A 584 -21.45 -1.01 -6.93
CA LYS A 584 -21.82 -2.12 -6.07
C LYS A 584 -22.30 -1.54 -4.75
N PRO A 585 -23.48 -1.91 -4.27
CA PRO A 585 -24.41 -2.85 -4.89
C PRO A 585 -25.05 -2.28 -6.14
N LEU A 586 -24.97 -3.00 -7.24
CA LEU A 586 -25.50 -2.55 -8.51
C LEU A 586 -27.01 -2.40 -8.41
N ASP A 587 -27.56 -1.52 -9.24
CA ASP A 587 -29.01 -1.48 -9.42
C ASP A 587 -29.40 -2.69 -10.25
N ARG A 588 -29.37 -3.84 -9.58
CA ARG A 588 -29.68 -5.10 -10.23
C ARG A 588 -31.06 -5.08 -10.84
N ALA A 589 -31.94 -4.21 -10.35
CA ALA A 589 -33.26 -4.06 -10.96
C ALA A 589 -33.17 -3.33 -12.28
N LEU A 590 -32.43 -2.23 -12.32
CA LEU A 590 -32.31 -1.41 -13.53
C LEU A 590 -31.71 -2.23 -14.67
N ILE A 591 -30.51 -2.78 -14.44
CA ILE A 591 -29.80 -3.54 -15.46
C ILE A 591 -30.70 -4.63 -16.02
N ARG A 592 -31.46 -5.29 -15.13
CA ARG A 592 -32.37 -6.34 -15.56
C ARG A 592 -33.44 -5.80 -16.49
N SER A 593 -34.11 -4.73 -16.06
CA SER A 593 -35.04 -4.03 -16.94
C SER A 593 -34.36 -3.63 -18.24
N LEU A 594 -33.18 -3.01 -18.13
CA LEU A 594 -32.41 -2.67 -19.33
C LEU A 594 -32.19 -3.89 -20.20
N ALA A 595 -31.93 -5.04 -19.58
CA ALA A 595 -31.54 -6.22 -20.34
C ALA A 595 -32.63 -6.64 -21.30
N LYS A 596 -33.78 -7.05 -20.78
CA LYS A 596 -34.81 -7.58 -21.65
C LYS A 596 -35.39 -6.54 -22.58
N SER A 597 -35.48 -5.29 -22.15
CA SER A 597 -36.03 -4.22 -22.96
C SER A 597 -35.26 -4.05 -24.27
N HIS A 598 -33.95 -3.92 -24.19
CA HIS A 598 -33.14 -3.74 -25.38
C HIS A 598 -32.67 -5.07 -25.94
N GLU A 599 -32.08 -5.01 -27.13
CA GLU A 599 -31.42 -6.18 -27.69
C GLU A 599 -29.90 -6.07 -27.59
N VAL A 600 -29.39 -4.90 -27.24
CA VAL A 600 -27.95 -4.69 -27.09
C VAL A 600 -27.71 -3.83 -25.87
N LEU A 601 -26.51 -3.93 -25.32
CA LEU A 601 -26.10 -3.11 -24.19
C LEU A 601 -24.61 -2.84 -24.29
N ILE A 602 -24.21 -1.66 -23.85
CA ILE A 602 -22.81 -1.25 -23.87
C ILE A 602 -22.54 -0.44 -22.62
N THR A 603 -21.74 -1.00 -21.71
CA THR A 603 -21.27 -0.22 -20.58
C THR A 603 -20.06 0.60 -21.00
N VAL A 604 -19.67 1.54 -20.15
CA VAL A 604 -18.48 2.35 -20.38
C VAL A 604 -18.02 2.85 -19.02
N GLU A 605 -16.71 3.04 -18.86
CA GLU A 605 -16.20 3.46 -17.57
C GLU A 605 -14.83 4.07 -17.75
N GLU A 606 -14.42 4.86 -16.76
CA GLU A 606 -13.07 5.41 -16.78
C GLU A 606 -12.13 4.57 -15.93
N GLY A 607 -12.06 3.28 -16.20
CA GLY A 607 -11.20 2.39 -15.44
C GLY A 607 -10.72 1.24 -16.28
N SER A 608 -9.66 0.60 -15.81
CA SER A 608 -9.18 -0.60 -16.48
C SER A 608 -10.23 -1.70 -16.38
N ILE A 609 -10.00 -2.79 -17.09
CA ILE A 609 -11.05 -3.80 -17.14
C ILE A 609 -10.90 -4.72 -15.94
N GLY A 610 -11.40 -4.26 -14.80
CA GLY A 610 -11.65 -5.10 -13.64
C GLY A 610 -12.81 -4.56 -12.83
N GLY A 611 -13.61 -3.71 -13.45
CA GLY A 611 -14.58 -2.92 -12.71
C GLY A 611 -16.01 -3.08 -13.18
N PHE A 612 -16.61 -1.96 -13.60
CA PHE A 612 -18.04 -1.96 -13.93
C PHE A 612 -18.37 -3.05 -14.93
N GLY A 613 -17.71 -3.03 -16.09
CA GLY A 613 -17.90 -4.05 -17.09
C GLY A 613 -17.77 -5.44 -16.52
N SER A 614 -16.80 -5.66 -15.65
CA SER A 614 -16.66 -6.94 -14.99
C SER A 614 -17.85 -7.23 -14.08
N HIS A 615 -18.10 -6.36 -13.09
CA HIS A 615 -19.22 -6.58 -12.19
C HIS A 615 -20.53 -6.70 -12.93
N VAL A 616 -20.77 -5.84 -13.92
CA VAL A 616 -22.07 -5.86 -14.58
C VAL A 616 -22.29 -7.19 -15.25
N VAL A 617 -21.27 -7.71 -15.94
CA VAL A 617 -21.45 -9.00 -16.58
C VAL A 617 -21.46 -10.13 -15.56
N GLN A 618 -20.64 -10.02 -14.51
CA GLN A 618 -20.75 -10.97 -13.40
C GLN A 618 -22.18 -11.04 -12.92
N PHE A 619 -22.81 -9.89 -12.73
CA PHE A 619 -24.23 -9.88 -12.43
C PHE A 619 -25.06 -10.27 -13.65
N LEU A 620 -24.65 -9.82 -14.84
CA LEU A 620 -25.34 -10.26 -16.04
C LEU A 620 -25.28 -11.76 -16.20
N ALA A 621 -24.18 -12.38 -15.79
CA ALA A 621 -24.03 -13.81 -15.98
C ALA A 621 -25.03 -14.59 -15.14
N LEU A 622 -25.00 -14.38 -13.83
CA LEU A 622 -25.88 -15.12 -12.95
C LEU A 622 -27.35 -14.81 -13.26
N ASP A 623 -27.70 -13.53 -13.37
CA ASP A 623 -29.02 -13.16 -13.87
C ASP A 623 -29.25 -13.65 -15.29
N GLY A 624 -28.18 -14.07 -15.96
CA GLY A 624 -28.30 -14.45 -17.35
C GLY A 624 -29.31 -15.54 -17.63
N LEU A 625 -29.66 -16.33 -16.62
CA LEU A 625 -30.61 -17.40 -16.88
C LEU A 625 -31.95 -16.87 -17.38
N LEU A 626 -32.19 -15.57 -17.23
CA LEU A 626 -33.21 -14.89 -18.01
C LEU A 626 -32.64 -14.33 -19.30
N ASP A 627 -32.00 -15.18 -20.10
CA ASP A 627 -31.39 -14.81 -21.37
C ASP A 627 -30.34 -13.71 -21.21
N GLY A 628 -29.24 -14.00 -20.53
CA GLY A 628 -28.07 -13.14 -20.61
C GLY A 628 -27.37 -13.32 -21.94
N LYS A 629 -28.15 -13.19 -23.01
CA LYS A 629 -27.72 -13.42 -24.39
C LYS A 629 -27.87 -12.18 -25.25
N LEU A 630 -27.57 -11.02 -24.68
CA LEU A 630 -27.51 -9.78 -25.42
C LEU A 630 -26.07 -9.32 -25.56
N LYS A 631 -25.74 -8.81 -26.73
CA LYS A 631 -24.39 -8.38 -27.03
C LYS A 631 -23.95 -7.30 -26.04
N TRP A 632 -22.71 -7.40 -25.58
CA TRP A 632 -22.25 -6.53 -24.52
C TRP A 632 -20.76 -6.33 -24.63
N ARG A 633 -20.33 -5.08 -24.76
CA ARG A 633 -18.94 -4.79 -25.04
C ARG A 633 -18.46 -3.64 -24.17
N PRO A 634 -17.70 -3.92 -23.11
CA PRO A 634 -17.31 -2.84 -22.20
C PRO A 634 -16.20 -1.97 -22.74
N MET A 635 -16.56 -0.78 -23.21
CA MET A 635 -15.58 0.17 -23.70
C MET A 635 -14.90 0.79 -22.49
N VAL A 636 -13.89 0.10 -21.96
CA VAL A 636 -13.18 0.58 -20.79
C VAL A 636 -11.83 1.09 -21.26
N LEU A 637 -11.08 1.71 -20.36
CA LEU A 637 -9.68 2.01 -20.64
C LEU A 637 -9.01 0.81 -21.27
N PRO A 638 -8.58 0.88 -22.53
CA PRO A 638 -7.87 -0.25 -23.13
C PRO A 638 -6.60 -0.57 -22.36
N ASP A 639 -6.13 -1.81 -22.53
CA ASP A 639 -5.01 -2.30 -21.73
C ASP A 639 -3.73 -1.61 -22.20
N ARG A 640 -3.54 -0.39 -21.71
CA ARG A 640 -2.39 0.44 -22.04
C ARG A 640 -2.39 1.64 -21.11
N TYR A 641 -1.25 2.29 -20.95
CA TYR A 641 -1.19 3.50 -20.13
C TYR A 641 -1.23 4.74 -21.01
N ILE A 642 -2.32 5.49 -20.89
CA ILE A 642 -2.56 6.66 -21.71
C ILE A 642 -1.69 7.79 -21.17
N ASP A 643 -0.99 8.46 -22.08
CA ASP A 643 0.03 9.43 -21.70
C ASP A 643 -0.57 10.75 -21.25
N HIS A 644 0.30 11.71 -20.96
CA HIS A 644 -0.13 13.07 -20.66
C HIS A 644 -0.73 13.71 -21.89
N GLY A 645 -1.36 14.86 -21.71
CA GLY A 645 -1.78 15.66 -22.84
C GLY A 645 -3.18 16.19 -22.67
N ALA A 646 -3.76 16.56 -23.80
CA ALA A 646 -5.10 17.13 -23.83
C ALA A 646 -6.13 16.08 -23.47
N PRO A 647 -6.96 16.32 -22.45
CA PRO A 647 -7.98 15.33 -22.09
C PRO A 647 -8.87 14.91 -23.25
N ALA A 648 -9.24 15.84 -24.13
CA ALA A 648 -10.09 15.49 -25.26
C ALA A 648 -9.44 14.43 -26.13
N ASP A 649 -8.15 14.59 -26.42
CA ASP A 649 -7.47 13.58 -27.24
C ASP A 649 -7.16 12.34 -26.43
N GLN A 650 -6.97 12.49 -25.12
CA GLN A 650 -6.90 11.31 -24.27
C GLN A 650 -8.13 10.45 -24.45
N LEU A 651 -9.31 11.08 -24.46
CA LEU A 651 -10.51 10.36 -24.88
C LEU A 651 -10.34 9.79 -26.28
N ALA A 652 -9.82 10.60 -27.20
CA ALA A 652 -9.60 10.10 -28.55
C ALA A 652 -8.55 9.00 -28.55
N GLU A 653 -7.47 9.17 -27.78
CA GLU A 653 -6.47 8.12 -27.69
C GLU A 653 -7.06 6.87 -27.03
N ALA A 654 -7.61 7.02 -25.84
CA ALA A 654 -8.16 5.89 -25.11
C ALA A 654 -9.43 5.35 -25.76
N GLY A 655 -9.83 5.89 -26.91
CA GLY A 655 -11.03 5.43 -27.56
C GLY A 655 -12.26 5.79 -26.76
N LEU A 656 -12.31 7.03 -26.29
CA LEU A 656 -13.41 7.48 -25.45
C LEU A 656 -13.96 8.84 -25.85
N MET A 657 -13.60 9.37 -27.00
CA MET A 657 -14.38 10.47 -27.52
C MET A 657 -15.69 9.86 -27.96
N PRO A 658 -16.80 10.60 -27.85
CA PRO A 658 -18.13 10.03 -28.13
C PRO A 658 -18.22 9.18 -29.37
N SER A 659 -17.47 9.54 -30.41
CA SER A 659 -17.51 8.78 -31.65
C SER A 659 -17.07 7.34 -31.42
N HIS A 660 -16.03 7.14 -30.62
CA HIS A 660 -15.62 5.79 -30.26
C HIS A 660 -16.77 5.05 -29.59
N ILE A 661 -17.31 5.63 -28.53
CA ILE A 661 -18.51 5.09 -27.93
C ILE A 661 -19.60 4.96 -28.97
N ALA A 662 -19.76 5.98 -29.82
CA ALA A 662 -20.75 5.92 -30.88
C ALA A 662 -20.51 4.72 -31.77
N ALA A 663 -19.29 4.61 -32.30
CA ALA A 663 -18.99 3.55 -33.24
C ALA A 663 -19.35 2.18 -32.70
N THR A 664 -19.15 1.97 -31.39
CA THR A 664 -19.40 0.66 -30.80
C THR A 664 -20.78 0.15 -31.14
N ALA A 665 -21.81 0.96 -30.88
CA ALA A 665 -23.16 0.56 -31.23
C ALA A 665 -23.36 0.54 -32.74
N LEU A 666 -22.68 1.43 -33.45
CA LEU A 666 -22.84 1.52 -34.90
C LEU A 666 -22.55 0.21 -35.59
N ASN A 667 -21.62 -0.60 -35.06
CA ASN A 667 -21.39 -1.91 -35.62
C ASN A 667 -22.61 -2.82 -35.51
N LEU A 668 -23.59 -2.42 -34.72
CA LEU A 668 -24.75 -3.26 -34.46
C LEU A 668 -26.04 -2.60 -34.90
N HIS B 116 22.85 17.80 9.52
CA HIS B 116 23.31 19.18 9.88
C HIS B 116 23.64 19.24 11.36
N GLU B 117 23.29 20.34 12.04
CA GLU B 117 23.54 20.51 13.49
C GLU B 117 22.92 19.33 14.23
N ILE B 118 23.38 19.05 15.45
CA ILE B 118 22.90 17.83 16.17
C ILE B 118 21.94 18.15 17.31
N LYS B 119 20.84 17.41 17.38
CA LYS B 119 19.79 17.68 18.35
C LYS B 119 19.13 16.37 18.73
N MET B 120 18.69 16.27 19.99
CA MET B 120 17.93 15.11 20.44
C MET B 120 17.34 15.38 21.81
N ARG B 121 16.03 15.12 21.95
CA ARG B 121 15.32 15.23 23.22
C ARG B 121 14.77 13.86 23.56
N PHE B 122 14.64 13.58 24.86
CA PHE B 122 14.06 12.33 25.33
C PHE B 122 12.84 12.61 26.18
N ASP B 123 11.66 12.42 25.60
CA ASP B 123 10.41 12.64 26.34
C ASP B 123 10.34 11.82 27.61
N MET B 124 10.32 10.49 27.49
CA MET B 124 10.56 9.49 28.52
C MET B 124 10.14 9.97 29.90
N PRO B 125 8.84 10.23 30.13
CA PRO B 125 8.42 10.69 31.46
C PRO B 125 8.74 9.68 32.54
N GLY B 126 9.61 10.06 33.47
CA GLY B 126 10.12 9.12 34.45
C GLY B 126 11.31 8.35 33.92
N LEU B 127 12.20 9.06 33.23
CA LEU B 127 13.43 8.46 32.72
C LEU B 127 14.17 7.73 33.84
N SER B 128 14.34 6.42 33.67
CA SER B 128 14.90 5.59 34.73
C SER B 128 16.28 6.09 35.14
N LYS B 129 16.55 6.04 36.43
CA LYS B 129 17.86 6.37 36.95
C LYS B 129 18.78 5.14 37.04
N GLU B 130 18.88 4.39 35.95
CA GLU B 130 19.80 3.24 35.90
C GLU B 130 21.07 3.61 35.16
N ASP B 131 20.95 4.02 33.90
CA ASP B 131 22.11 4.45 33.13
C ASP B 131 21.65 5.31 31.96
N VAL B 132 21.93 6.61 32.06
CA VAL B 132 21.72 7.54 30.95
C VAL B 132 22.96 8.40 30.85
N LYS B 133 23.44 8.63 29.63
CA LYS B 133 24.72 9.29 29.41
C LYS B 133 24.65 10.26 28.25
N ILE B 134 25.58 11.22 28.24
CA ILE B 134 25.68 12.23 27.20
C ILE B 134 27.16 12.46 26.90
N SER B 135 27.53 12.40 25.64
CA SER B 135 28.87 12.80 25.22
C SER B 135 28.80 13.36 23.81
N VAL B 136 29.20 14.61 23.66
CA VAL B 136 28.97 15.40 22.45
C VAL B 136 30.30 15.97 21.96
N GLU B 137 31.00 15.18 21.16
CA GLU B 137 32.26 15.56 20.54
C GLU B 137 32.00 16.06 19.13
N ASP B 138 33.05 16.03 18.32
CA ASP B 138 32.94 16.15 16.86
C ASP B 138 32.14 14.93 16.40
N ASN B 139 32.01 14.70 15.09
CA ASN B 139 30.84 14.05 14.48
C ASN B 139 30.33 12.77 15.15
N VAL B 140 31.04 12.28 16.16
CA VAL B 140 30.54 11.23 17.04
C VAL B 140 29.67 11.85 18.13
N LEU B 141 28.72 11.07 18.64
CA LEU B 141 27.97 11.45 19.83
C LEU B 141 27.37 10.20 20.42
N VAL B 142 27.50 10.03 21.73
CA VAL B 142 26.82 8.94 22.40
C VAL B 142 25.75 9.56 23.29
N ILE B 143 24.48 9.26 22.99
CA ILE B 143 23.38 9.73 23.80
C ILE B 143 22.66 8.50 24.34
N LYS B 144 23.10 8.06 25.50
CA LYS B 144 22.56 6.87 26.13
C LYS B 144 21.26 7.25 26.82
N GLY B 145 20.21 7.35 26.02
CA GLY B 145 18.86 7.47 26.53
C GLY B 145 18.30 6.09 26.77
N GLU B 146 17.74 5.89 27.95
CA GLU B 146 17.40 4.57 28.43
C GLU B 146 16.23 4.64 29.39
N GLN B 147 15.25 3.77 29.17
CA GLN B 147 14.15 3.57 30.10
C GLN B 147 14.10 2.08 30.44
N LYS B 148 14.87 1.68 31.46
CA LYS B 148 14.89 0.30 31.91
C LYS B 148 13.71 0.01 32.82
N LYS B 149 13.53 0.79 33.89
CA LYS B 149 12.55 0.61 34.97
C LYS B 149 12.84 -0.68 35.72
N GLU B 150 14.10 -1.13 35.80
CA GLU B 150 14.41 -2.48 36.25
C GLU B 150 14.05 -2.72 37.71
N ASP B 151 14.14 -1.70 38.56
CA ASP B 151 13.71 -1.91 39.94
C ASP B 151 12.77 -0.79 40.39
N SER B 152 13.07 0.44 39.98
CA SER B 152 12.28 1.62 40.34
C SER B 152 11.76 2.18 39.01
N ASP B 153 10.57 1.75 38.63
CA ASP B 153 10.00 2.05 37.33
C ASP B 153 10.11 3.54 37.02
N ASP B 154 9.44 4.36 37.80
CA ASP B 154 9.92 5.70 38.05
C ASP B 154 10.24 5.85 39.51
N SER B 155 9.32 5.42 40.37
CA SER B 155 9.57 5.11 41.77
C SER B 155 8.77 3.86 42.12
N TRP B 156 8.37 3.10 41.09
CA TRP B 156 7.31 2.10 41.23
C TRP B 156 7.91 0.71 41.22
N SER B 157 7.14 -0.25 41.74
CA SER B 157 7.59 -1.63 41.88
C SER B 157 7.65 -2.31 40.52
N GLY B 158 8.84 -2.64 40.05
CA GLY B 158 8.92 -3.37 38.81
C GLY B 158 10.29 -3.92 38.49
N ARG B 159 10.34 -5.22 38.20
CA ARG B 159 11.57 -5.88 37.79
C ARG B 159 11.65 -5.88 36.27
N SER B 160 11.70 -4.69 35.67
CA SER B 160 11.66 -4.60 34.22
C SER B 160 13.09 -4.56 33.70
N VAL B 161 13.73 -5.73 33.70
CA VAL B 161 15.09 -5.90 33.20
C VAL B 161 15.11 -5.42 31.77
N SER B 162 15.96 -4.44 31.47
CA SER B 162 16.03 -3.86 30.14
C SER B 162 17.48 -3.58 29.79
N SER B 163 17.74 -3.38 28.50
CA SER B 163 19.10 -3.11 28.03
C SER B 163 19.05 -2.38 26.70
N TYR B 164 19.36 -1.08 26.73
CA TYR B 164 19.55 -0.30 25.51
C TYR B 164 20.08 1.08 25.89
N GLY B 165 20.88 1.63 24.97
CA GLY B 165 21.38 2.99 25.07
C GLY B 165 21.28 3.65 23.71
N THR B 166 21.47 4.96 23.61
CA THR B 166 21.26 5.61 22.33
C THR B 166 22.57 6.15 21.75
N ARG B 167 22.65 6.14 20.42
CA ARG B 167 23.82 6.60 19.69
C ARG B 167 23.38 7.68 18.71
N LEU B 168 24.12 8.78 18.67
CA LEU B 168 23.91 9.81 17.67
C LEU B 168 25.27 10.22 17.12
N GLN B 169 25.65 9.64 16.00
CA GLN B 169 26.81 10.12 15.27
C GLN B 169 26.35 11.36 14.54
N LEU B 170 27.16 11.85 13.60
CA LEU B 170 26.74 13.09 12.96
C LEU B 170 27.43 13.33 11.62
N PRO B 171 26.69 13.71 10.60
CA PRO B 171 27.31 14.02 9.30
C PRO B 171 27.74 15.48 9.21
N ASP B 172 28.42 15.93 10.25
CA ASP B 172 29.32 17.07 10.22
C ASP B 172 30.00 17.14 11.58
N ASN B 173 31.31 17.35 11.58
CA ASN B 173 32.07 17.30 12.83
C ASN B 173 31.50 18.31 13.81
N CYS B 174 30.87 17.82 14.88
CA CYS B 174 30.03 18.70 15.67
C CYS B 174 30.85 19.75 16.40
N GLU B 175 30.92 20.95 15.83
CA GLU B 175 31.66 22.04 16.43
C GLU B 175 30.90 22.54 17.66
N LYS B 176 31.45 23.55 18.34
CA LYS B 176 30.96 23.89 19.68
C LYS B 176 30.40 25.30 19.73
N ASP B 177 29.60 25.70 18.73
CA ASP B 177 29.09 27.07 18.70
C ASP B 177 27.98 27.27 19.73
N LYS B 178 26.89 26.51 19.60
CA LYS B 178 25.74 26.62 20.49
C LYS B 178 25.36 25.26 21.04
N ILE B 179 25.38 25.12 22.36
CA ILE B 179 25.04 23.87 23.03
C ILE B 179 23.92 24.13 24.02
N LYS B 180 22.84 23.36 23.91
CA LYS B 180 21.72 23.46 24.84
C LYS B 180 21.43 22.07 25.39
N ALA B 181 21.28 21.97 26.71
CA ALA B 181 21.17 20.68 27.36
C ALA B 181 20.23 20.76 28.55
N GLU B 182 19.34 19.78 28.67
CA GLU B 182 18.41 19.65 29.78
C GLU B 182 18.18 18.17 30.04
N LEU B 183 18.77 17.65 31.13
CA LEU B 183 18.91 16.21 31.25
C LEU B 183 19.28 15.65 32.62
N LYS B 184 19.38 14.31 32.67
CA LYS B 184 19.84 13.46 33.77
C LYS B 184 18.78 13.10 34.82
N ASN B 185 17.55 13.58 34.69
CA ASN B 185 16.53 13.10 35.63
C ASN B 185 15.38 12.43 34.90
N GLY B 186 14.76 13.14 33.96
CA GLY B 186 13.61 12.65 33.23
C GLY B 186 13.69 12.84 31.73
N VAL B 187 14.61 13.69 31.27
CA VAL B 187 14.80 13.98 29.87
C VAL B 187 16.29 13.88 29.61
N LEU B 188 16.69 13.65 28.36
CA LEU B 188 18.04 13.94 27.90
C LEU B 188 17.89 14.70 26.59
N PHE B 189 18.38 15.94 26.57
CA PHE B 189 18.14 16.86 25.46
C PHE B 189 19.38 17.69 25.23
N ILE B 190 19.89 17.65 24.00
CA ILE B 190 21.15 18.28 23.65
C ILE B 190 21.08 18.80 22.22
N THR B 191 21.68 19.97 22.00
CA THR B 191 21.78 20.62 20.70
C THR B 191 23.19 21.18 20.56
N ILE B 192 23.91 20.72 19.54
CA ILE B 192 25.32 21.06 19.32
C ILE B 192 25.57 21.17 17.82
N PRO B 193 26.33 22.17 17.34
CA PRO B 193 26.36 22.45 15.89
C PRO B 193 27.51 21.93 15.04
N LYS B 194 27.20 21.75 13.74
CA LYS B 194 28.05 22.10 12.60
C LYS B 194 27.22 21.98 11.31
N THR B 195 27.83 22.16 10.14
CA THR B 195 27.06 22.21 8.90
C THR B 195 27.46 21.18 7.84
N LYS B 196 28.77 21.03 7.57
CA LYS B 196 29.21 20.65 6.23
C LYS B 196 30.44 19.76 6.18
N VAL B 197 31.16 19.83 5.04
CA VAL B 197 31.95 18.83 4.32
C VAL B 197 33.05 18.15 5.14
N GLU B 198 33.80 17.23 4.49
CA GLU B 198 34.79 16.31 5.08
C GLU B 198 34.16 15.10 5.77
N ARG B 199 33.61 14.20 4.93
CA ARG B 199 33.25 12.83 5.27
C ARG B 199 32.10 12.71 6.28
N LYS B 200 30.92 13.12 5.84
CA LYS B 200 29.73 13.22 6.68
C LYS B 200 29.04 11.85 6.76
N VAL B 201 28.97 11.30 7.96
CA VAL B 201 28.34 10.01 8.20
C VAL B 201 27.65 10.06 9.55
N ILE B 202 26.50 9.38 9.68
CA ILE B 202 25.80 9.27 10.96
C ILE B 202 25.48 7.81 11.21
N ASP B 203 25.43 7.44 12.48
CA ASP B 203 25.13 6.11 13.01
C ASP B 203 26.27 5.12 12.78
N VAL B 204 27.18 5.47 11.87
CA VAL B 204 28.34 4.63 11.60
C VAL B 204 29.26 5.38 10.64
N GLN B 205 30.55 5.06 10.68
CA GLN B 205 31.47 5.36 9.60
C GLN B 205 31.99 4.08 8.99
N ILE B 206 31.25 3.50 8.06
CA ILE B 206 31.63 2.20 7.53
C ILE B 206 32.83 2.34 6.61
N GLN B 207 33.66 1.30 6.59
CA GLN B 207 34.91 1.31 5.85
C GLN B 207 34.67 1.27 4.35
N PRO C 33 -2.55 -27.07 37.12
CA PRO C 33 -1.88 -26.25 38.15
C PRO C 33 -2.27 -24.78 38.07
N THR C 34 -3.55 -24.49 37.81
CA THR C 34 -4.02 -23.13 37.57
C THR C 34 -5.12 -22.78 38.56
N PRO C 35 -4.75 -22.35 39.77
CA PRO C 35 -5.77 -22.01 40.77
C PRO C 35 -6.59 -20.78 40.41
N LEU C 36 -5.93 -19.66 40.15
CA LEU C 36 -6.62 -18.37 40.04
C LEU C 36 -7.43 -18.23 38.77
N LEU C 37 -7.11 -18.99 37.73
CA LEU C 37 -7.66 -18.69 36.41
C LEU C 37 -9.06 -19.26 36.22
N ASP C 38 -9.41 -20.33 36.95
CA ASP C 38 -10.78 -20.84 36.90
C ASP C 38 -11.78 -19.87 37.50
N THR C 39 -11.30 -18.77 38.07
CA THR C 39 -12.15 -17.77 38.72
C THR C 39 -12.48 -16.57 37.82
N ILE C 40 -11.65 -16.29 36.82
CA ILE C 40 -11.73 -15.05 36.05
C ILE C 40 -12.34 -15.36 34.69
N ASN C 41 -13.33 -14.57 34.30
CA ASN C 41 -13.89 -14.59 32.96
C ASN C 41 -14.01 -13.19 32.38
N TYR C 42 -13.46 -12.19 33.06
CA TYR C 42 -13.37 -10.81 32.62
C TYR C 42 -12.53 -10.07 33.66
N PRO C 43 -11.87 -8.98 33.28
CA PRO C 43 -10.89 -8.35 34.18
C PRO C 43 -11.48 -7.84 35.49
N ILE C 44 -12.79 -7.63 35.54
CA ILE C 44 -13.42 -7.13 36.75
C ILE C 44 -13.18 -8.12 37.88
N HIS C 45 -13.03 -9.40 37.53
CA HIS C 45 -12.73 -10.41 38.54
C HIS C 45 -11.39 -10.16 39.22
N MET C 46 -10.41 -9.67 38.45
CA MET C 46 -9.04 -9.62 38.95
C MET C 46 -8.63 -8.21 39.38
N LYS C 47 -9.53 -7.23 39.19
CA LYS C 47 -9.26 -5.84 39.58
C LYS C 47 -8.60 -5.67 40.95
N ASN C 48 -8.85 -6.53 41.92
CA ASN C 48 -8.35 -6.27 43.26
C ASN C 48 -7.18 -7.19 43.60
N LEU C 49 -6.88 -8.12 42.70
CA LEU C 49 -5.76 -9.05 42.90
C LEU C 49 -4.47 -8.31 43.21
N SER C 50 -3.51 -9.02 43.80
CA SER C 50 -2.23 -8.38 44.09
C SER C 50 -1.15 -8.90 43.14
N VAL C 51 -0.03 -8.19 43.11
CA VAL C 51 1.01 -8.48 42.14
C VAL C 51 1.62 -9.86 42.39
N LYS C 52 1.77 -10.24 43.66
CA LYS C 52 2.30 -11.56 43.97
C LYS C 52 1.46 -12.65 43.35
N GLU C 53 0.14 -12.55 43.49
CA GLU C 53 -0.76 -13.50 42.86
C GLU C 53 -0.92 -13.23 41.37
N LEU C 54 -0.68 -11.99 40.94
CA LEU C 54 -0.67 -11.69 39.51
C LEU C 54 0.36 -12.53 38.77
N LYS C 55 1.55 -12.68 39.35
CA LYS C 55 2.59 -13.48 38.71
C LYS C 55 2.18 -14.95 38.58
N GLN C 56 1.66 -15.52 39.66
CA GLN C 56 1.16 -16.89 39.60
C GLN C 56 0.07 -17.02 38.55
N LEU C 57 -0.77 -15.99 38.44
CA LEU C 57 -1.83 -16.01 37.44
C LEU C 57 -1.25 -16.03 36.03
N SER C 58 -0.24 -15.19 35.80
CA SER C 58 0.43 -15.19 34.50
C SER C 58 1.04 -16.55 34.19
N ASP C 59 1.59 -17.21 35.21
CA ASP C 59 2.16 -18.54 35.01
C ASP C 59 1.08 -19.55 34.63
N GLU C 60 -0.02 -19.53 35.37
CA GLU C 60 -1.18 -20.34 34.99
C GLU C 60 -1.58 -20.05 33.55
N LEU C 61 -1.46 -18.80 33.14
CA LEU C 61 -1.78 -18.44 31.76
C LEU C 61 -0.84 -19.12 30.78
N ARG C 62 0.48 -19.05 31.04
CA ARG C 62 1.43 -19.77 30.21
C ARG C 62 0.98 -21.22 30.05
N SER C 63 0.69 -21.88 31.17
CA SER C 63 0.36 -23.29 31.14
C SER C 63 -0.94 -23.55 30.37
N ASP C 64 -1.95 -22.72 30.60
CA ASP C 64 -3.22 -22.90 29.90
C ASP C 64 -3.06 -22.66 28.42
N VAL C 65 -2.29 -21.65 28.03
CA VAL C 65 -2.07 -21.38 26.61
C VAL C 65 -1.36 -22.56 25.97
N ILE C 66 -0.39 -23.13 26.68
CA ILE C 66 0.33 -24.28 26.13
C ILE C 66 -0.61 -25.46 25.95
N PHE C 67 -1.47 -25.71 26.94
CA PHE C 67 -2.39 -26.84 26.83
C PHE C 67 -3.43 -26.60 25.74
N ASN C 68 -3.80 -25.35 25.51
CA ASN C 68 -4.77 -25.05 24.47
C ASN C 68 -4.15 -25.16 23.09
N VAL C 69 -3.02 -24.46 22.86
CA VAL C 69 -2.32 -24.53 21.60
C VAL C 69 -1.92 -25.94 21.21
N SER C 70 -1.66 -26.82 22.19
CA SER C 70 -1.32 -28.19 21.87
C SER C 70 -2.45 -28.92 21.18
N LYS C 71 -3.60 -28.25 21.00
CA LYS C 71 -4.65 -28.79 20.15
C LYS C 71 -4.40 -28.49 18.68
N THR C 72 -4.12 -27.23 18.34
CA THR C 72 -3.83 -26.88 16.95
C THR C 72 -3.32 -25.45 16.73
N GLY C 73 -2.35 -25.30 15.83
CA GLY C 73 -2.12 -24.12 15.02
C GLY C 73 -1.92 -22.79 15.72
N GLY C 74 -1.45 -22.78 16.97
CA GLY C 74 -1.32 -21.53 17.70
C GLY C 74 0.02 -20.86 17.50
N HIS C 75 -0.01 -19.57 17.17
CA HIS C 75 1.20 -18.79 17.04
C HIS C 75 1.77 -18.56 18.43
N LEU C 76 2.61 -19.50 18.86
CA LEU C 76 2.81 -19.70 20.29
C LEU C 76 3.75 -18.67 20.89
N GLY C 77 5.00 -18.63 20.43
CA GLY C 77 6.06 -17.99 21.19
C GLY C 77 5.79 -16.53 21.55
N SER C 78 5.20 -15.78 20.62
CA SER C 78 4.81 -14.42 20.96
C SER C 78 3.90 -14.41 22.16
N SER C 79 2.69 -14.97 22.01
CA SER C 79 1.74 -15.00 23.12
C SER C 79 2.38 -15.53 24.39
N LEU C 80 3.31 -16.46 24.28
CA LEU C 80 4.03 -16.95 25.45
C LEU C 80 4.78 -15.82 26.14
N GLY C 81 5.44 -14.98 25.35
CA GLY C 81 6.07 -13.81 25.95
C GLY C 81 5.09 -12.70 26.27
N VAL C 82 3.88 -12.79 25.73
CA VAL C 82 2.90 -11.72 25.81
C VAL C 82 1.95 -11.87 27.00
N VAL C 83 1.83 -13.08 27.54
CA VAL C 83 0.96 -13.34 28.69
C VAL C 83 1.06 -12.22 29.72
N GLU C 84 2.29 -11.88 30.11
CA GLU C 84 2.54 -10.78 31.04
C GLU C 84 1.78 -9.52 30.64
N LEU C 85 1.99 -9.08 29.40
CA LEU C 85 1.36 -7.85 28.95
C LEU C 85 -0.16 -7.99 28.97
N THR C 86 -0.69 -9.04 28.35
CA THR C 86 -2.13 -9.29 28.38
C THR C 86 -2.68 -9.07 29.78
N VAL C 87 -2.04 -9.69 30.78
CA VAL C 87 -2.45 -9.48 32.16
C VAL C 87 -2.47 -7.99 32.49
N ALA C 88 -1.37 -7.30 32.21
CA ALA C 88 -1.26 -5.91 32.64
C ALA C 88 -2.35 -5.04 32.02
N LEU C 89 -2.52 -5.13 30.70
CA LEU C 89 -3.45 -4.20 30.06
C LEU C 89 -4.88 -4.72 30.07
N HIS C 90 -5.11 -5.87 30.68
CA HIS C 90 -6.49 -6.18 31.03
C HIS C 90 -6.80 -5.81 32.46
N TYR C 91 -5.78 -5.78 33.32
CA TYR C 91 -6.00 -5.36 34.69
C TYR C 91 -6.16 -3.85 34.78
N ILE C 92 -5.19 -3.10 34.28
CA ILE C 92 -5.22 -1.65 34.45
C ILE C 92 -6.40 -1.05 33.70
N PHE C 93 -6.38 -1.14 32.38
CA PHE C 93 -7.39 -0.50 31.56
C PHE C 93 -8.58 -1.43 31.41
N ASN C 94 -9.78 -0.86 31.54
CA ASN C 94 -11.01 -1.62 31.51
C ASN C 94 -11.50 -1.68 30.08
N THR C 95 -12.08 -2.66 29.77
CA THR C 95 -12.66 -2.76 28.45
C THR C 95 -14.14 -3.13 28.57
N PRO C 96 -15.00 -2.58 27.71
CA PRO C 96 -14.72 -1.67 26.60
C PRO C 96 -14.64 -0.19 26.99
N GLN C 97 -14.41 0.10 28.27
CA GLN C 97 -13.90 1.43 28.65
C GLN C 97 -12.73 1.84 27.78
N ASP C 98 -11.66 1.08 27.83
CA ASP C 98 -10.46 1.48 27.11
C ASP C 98 -10.25 0.58 25.90
N LYS C 99 -10.29 1.19 24.72
CA LYS C 99 -10.16 0.47 23.46
C LYS C 99 -8.70 0.04 23.31
N ILE C 100 -8.40 -1.19 23.72
CA ILE C 100 -7.05 -1.71 23.56
C ILE C 100 -6.86 -2.25 22.15
N LEU C 101 -5.67 -2.06 21.60
CA LEU C 101 -5.36 -2.51 20.25
C LEU C 101 -4.14 -3.42 20.32
N TRP C 102 -4.28 -4.65 19.83
CA TRP C 102 -3.14 -5.54 19.74
C TRP C 102 -2.50 -5.45 18.37
N ASP C 103 -1.45 -6.23 18.17
CA ASP C 103 -0.80 -6.34 16.87
C ASP C 103 -1.62 -7.25 15.97
N VAL C 104 -0.98 -7.82 14.94
CA VAL C 104 -1.65 -8.64 13.94
C VAL C 104 -2.71 -9.54 14.57
N GLY C 105 -2.45 -10.02 15.77
CA GLY C 105 -3.41 -10.85 16.49
C GLY C 105 -2.91 -12.24 16.80
N HIS C 106 -1.68 -12.56 16.39
CA HIS C 106 -1.14 -13.87 16.69
C HIS C 106 -0.98 -14.06 18.19
N GLN C 107 -0.49 -13.03 18.90
CA GLN C 107 -0.33 -13.11 20.35
C GLN C 107 -1.58 -12.73 21.11
N SER C 108 -2.75 -12.84 20.49
CA SER C 108 -4.02 -12.55 21.14
C SER C 108 -4.53 -13.70 21.99
N TYR C 109 -3.79 -14.80 22.08
CA TYR C 109 -4.26 -15.94 22.87
C TYR C 109 -4.51 -15.55 24.33
N PRO C 110 -3.55 -15.00 25.07
CA PRO C 110 -3.87 -14.60 26.45
C PRO C 110 -5.02 -13.61 26.52
N HIS C 111 -5.03 -12.62 25.63
CA HIS C 111 -6.13 -11.66 25.61
C HIS C 111 -7.48 -12.36 25.53
N LYS C 112 -7.66 -13.20 24.51
CA LYS C 112 -8.89 -13.97 24.39
C LYS C 112 -9.19 -14.72 25.67
N ILE C 113 -8.18 -15.36 26.25
CA ILE C 113 -8.38 -16.08 27.51
C ILE C 113 -9.04 -15.18 28.54
N LEU C 114 -8.46 -14.02 28.76
CA LEU C 114 -8.91 -13.11 29.80
C LEU C 114 -10.11 -12.28 29.37
N THR C 115 -10.67 -12.56 28.21
CA THR C 115 -11.81 -11.79 27.72
C THR C 115 -12.96 -12.73 27.42
N GLY C 116 -13.30 -13.58 28.39
CA GLY C 116 -14.45 -14.45 28.23
C GLY C 116 -14.27 -15.49 27.17
N ARG C 117 -13.05 -15.77 26.76
CA ARG C 117 -12.79 -16.75 25.72
C ARG C 117 -11.69 -17.71 26.12
N ARG C 118 -11.67 -18.14 27.39
CA ARG C 118 -10.79 -19.22 27.80
C ARG C 118 -11.40 -20.56 27.44
N GLY C 119 -12.72 -20.68 27.61
CA GLY C 119 -13.39 -21.95 27.37
C GLY C 119 -13.62 -22.28 25.92
N LYS C 120 -13.19 -21.40 25.02
CA LYS C 120 -13.39 -21.62 23.59
C LYS C 120 -12.12 -22.01 22.85
N MET C 121 -10.98 -22.02 23.53
CA MET C 121 -9.68 -22.36 22.94
C MET C 121 -9.68 -23.73 22.28
N PRO C 122 -10.37 -24.75 22.81
CA PRO C 122 -10.48 -26.02 22.08
C PRO C 122 -11.26 -25.91 20.77
N THR C 123 -11.70 -24.70 20.41
CA THR C 123 -12.39 -24.48 19.15
C THR C 123 -11.76 -23.35 18.35
N MET C 124 -10.77 -22.65 18.89
CA MET C 124 -10.06 -21.64 18.12
C MET C 124 -9.43 -22.26 16.88
N ARG C 125 -9.35 -21.48 15.81
CA ARG C 125 -8.76 -21.86 14.53
C ARG C 125 -9.60 -22.90 13.81
N GLN C 126 -10.60 -23.49 14.47
CA GLN C 126 -11.45 -24.45 13.81
C GLN C 126 -12.59 -23.76 13.09
N THR C 127 -13.35 -24.54 12.32
CA THR C 127 -14.56 -24.02 11.70
C THR C 127 -15.55 -23.62 12.77
N ASN C 128 -16.30 -22.55 12.51
CA ASN C 128 -17.35 -22.06 13.39
C ASN C 128 -16.79 -21.56 14.71
N GLY C 129 -15.48 -21.62 14.87
CA GLY C 129 -14.84 -21.28 16.13
C GLY C 129 -14.18 -19.92 16.09
N LEU C 130 -13.13 -19.80 16.90
CA LEU C 130 -12.43 -18.53 17.06
C LEU C 130 -11.42 -18.33 15.94
N SER C 131 -11.21 -17.06 15.58
CA SER C 131 -10.13 -16.73 14.68
C SER C 131 -8.83 -16.62 15.46
N GLY C 132 -7.73 -16.91 14.77
CA GLY C 132 -6.44 -16.86 15.42
C GLY C 132 -5.95 -15.46 15.72
N PHE C 133 -6.77 -14.45 15.43
CA PHE C 133 -6.40 -13.06 15.60
C PHE C 133 -7.58 -12.30 16.15
N THR C 134 -7.33 -11.12 16.71
CA THR C 134 -8.40 -10.28 17.19
C THR C 134 -9.36 -9.95 16.05
N LYS C 135 -10.65 -10.13 16.31
CA LYS C 135 -11.67 -9.97 15.29
C LYS C 135 -12.77 -9.09 15.86
N ARG C 136 -12.82 -7.83 15.42
CA ARG C 136 -13.74 -6.85 16.01
C ARG C 136 -15.17 -7.36 16.03
N GLY C 137 -15.60 -8.01 14.96
CA GLY C 137 -16.97 -8.46 14.87
C GLY C 137 -17.28 -9.72 15.63
N GLU C 138 -16.67 -9.93 16.80
CA GLU C 138 -16.96 -11.10 17.61
C GLU C 138 -17.52 -10.73 18.98
N SER C 139 -16.78 -9.95 19.78
CA SER C 139 -17.18 -9.61 21.13
C SER C 139 -17.06 -8.11 21.35
N GLU C 140 -17.83 -7.61 22.34
CA GLU C 140 -17.79 -6.20 22.69
C GLU C 140 -16.39 -5.71 22.99
N HIS C 141 -15.51 -6.58 23.48
CA HIS C 141 -14.15 -6.15 23.75
C HIS C 141 -13.22 -6.37 22.58
N ASP C 142 -13.69 -7.03 21.52
CA ASP C 142 -12.89 -7.19 20.32
C ASP C 142 -12.88 -5.85 19.61
N CYS C 143 -11.81 -5.10 19.85
CA CYS C 143 -11.83 -3.67 19.64
C CYS C 143 -11.73 -3.31 18.17
N PHE C 144 -10.76 -3.89 17.47
CA PHE C 144 -10.56 -3.64 16.04
C PHE C 144 -9.85 -4.84 15.44
N GLY C 145 -10.59 -5.59 14.63
CA GLY C 145 -10.10 -6.83 14.05
C GLY C 145 -8.85 -6.65 13.22
N THR C 146 -7.72 -7.12 13.74
CA THR C 146 -6.46 -7.03 13.05
C THR C 146 -6.32 -8.26 12.15
N GLY C 147 -5.13 -8.48 11.61
CA GLY C 147 -4.91 -9.55 10.67
C GLY C 147 -3.84 -9.18 9.65
N HIS C 148 -3.37 -7.95 9.72
CA HIS C 148 -2.28 -7.48 8.88
C HIS C 148 -1.38 -6.55 9.70
N SER C 149 -0.08 -6.68 9.50
CA SER C 149 0.87 -6.02 10.37
C SER C 149 0.80 -4.51 10.22
N SER C 150 1.03 -3.81 11.33
CA SER C 150 1.17 -2.37 11.39
C SER C 150 -0.14 -1.65 11.08
N THR C 151 -1.21 -2.39 10.83
CA THR C 151 -2.49 -1.81 10.42
C THR C 151 -3.32 -1.36 11.58
N THR C 152 -2.71 -1.14 12.74
CA THR C 152 -3.46 -0.93 13.97
C THR C 152 -3.23 0.45 14.58
N ILE C 153 -1.96 0.81 14.79
CA ILE C 153 -1.63 2.08 15.45
C ILE C 153 -2.34 3.25 14.80
N SER C 154 -2.58 3.16 13.50
CA SER C 154 -3.37 4.18 12.82
C SER C 154 -4.81 4.19 13.32
N ALA C 155 -5.44 3.02 13.38
CA ALA C 155 -6.80 2.96 13.90
C ALA C 155 -6.85 3.34 15.37
N GLY C 156 -5.77 3.07 16.10
CA GLY C 156 -5.73 3.48 17.51
C GLY C 156 -5.68 4.98 17.66
N LEU C 157 -4.84 5.63 16.85
CA LEU C 157 -4.88 7.09 16.82
C LEU C 157 -6.24 7.60 16.40
N GLY C 158 -6.88 6.92 15.45
CA GLY C 158 -8.21 7.33 15.01
C GLY C 158 -9.22 7.29 16.12
N MET C 159 -9.29 6.17 16.84
CA MET C 159 -10.15 6.08 18.01
C MET C 159 -9.80 7.15 19.04
N ALA C 160 -8.52 7.46 19.19
CA ALA C 160 -8.12 8.46 20.17
C ALA C 160 -8.71 9.83 19.84
N VAL C 161 -8.45 10.33 18.64
CA VAL C 161 -9.03 11.64 18.33
C VAL C 161 -10.55 11.58 18.27
N GLY C 162 -11.12 10.45 17.85
CA GLY C 162 -12.57 10.36 17.80
C GLY C 162 -13.21 10.47 19.17
N ARG C 163 -12.67 9.74 20.15
CA ARG C 163 -13.17 9.85 21.51
C ARG C 163 -12.92 11.23 22.09
N ASP C 164 -11.83 11.89 21.69
CA ASP C 164 -11.66 13.27 22.15
C ASP C 164 -12.61 14.21 21.45
N LEU C 165 -13.18 13.79 20.32
CA LEU C 165 -14.17 14.57 19.60
C LEU C 165 -15.58 14.33 20.09
N LYS C 166 -15.86 13.15 20.62
CA LYS C 166 -17.13 12.89 21.28
C LYS C 166 -17.12 13.31 22.75
N GLY C 167 -16.06 13.98 23.19
CA GLY C 167 -15.99 14.45 24.55
C GLY C 167 -15.62 13.37 25.55
N LYS C 168 -15.68 12.12 25.11
CA LYS C 168 -15.38 11.01 26.00
C LYS C 168 -13.94 11.10 26.50
N ASN C 169 -13.68 10.47 27.64
CA ASN C 169 -12.36 10.48 28.26
C ASN C 169 -11.97 9.03 28.54
N ASN C 170 -11.41 8.36 27.54
CA ASN C 170 -11.02 6.97 27.65
C ASN C 170 -9.52 6.88 27.44
N ASN C 171 -9.00 5.67 27.39
CA ASN C 171 -7.62 5.43 27.00
C ASN C 171 -7.64 4.46 25.83
N VAL C 172 -6.80 4.72 24.85
CA VAL C 172 -6.69 3.88 23.67
C VAL C 172 -5.27 3.39 23.56
N VAL C 173 -5.10 2.07 23.59
CA VAL C 173 -3.79 1.45 23.63
C VAL C 173 -3.60 0.65 22.36
N ALA C 174 -2.43 0.83 21.74
CA ALA C 174 -2.08 0.04 20.55
C ALA C 174 -0.85 -0.78 20.92
N VAL C 175 -1.00 -2.10 20.89
CA VAL C 175 0.13 -2.99 21.13
C VAL C 175 0.61 -3.55 19.81
N ILE C 176 1.92 -3.45 19.57
CA ILE C 176 2.53 -4.01 18.38
C ILE C 176 3.89 -4.54 18.74
N GLY C 177 4.46 -5.31 17.85
CA GLY C 177 5.85 -5.71 17.99
C GLY C 177 6.73 -5.03 16.98
N ASP C 178 8.03 -5.13 17.21
CA ASP C 178 9.00 -4.70 16.22
C ASP C 178 8.65 -5.19 14.83
N GLY C 179 8.02 -6.37 14.72
CA GLY C 179 7.51 -6.84 13.45
C GLY C 179 6.56 -5.89 12.79
N ALA C 180 5.83 -5.08 13.55
CA ALA C 180 4.99 -4.05 12.97
C ALA C 180 5.65 -2.69 12.94
N MET C 181 6.88 -2.58 13.44
CA MET C 181 7.57 -1.30 13.45
C MET C 181 8.23 -1.00 12.10
N THR C 182 8.38 -2.03 11.27
CA THR C 182 9.11 -1.85 10.01
C THR C 182 8.23 -1.23 8.93
N ALA C 183 6.97 -1.61 8.86
CA ALA C 183 6.13 -1.25 7.73
C ALA C 183 5.87 0.25 7.68
N GLY C 184 5.13 0.68 6.66
CA GLY C 184 4.92 2.10 6.45
C GLY C 184 3.83 2.68 7.33
N GLN C 185 2.66 2.03 7.36
CA GLN C 185 1.54 2.53 8.14
C GLN C 185 1.97 2.90 9.55
N ALA C 186 2.78 2.06 10.18
CA ALA C 186 3.25 2.37 11.52
C ALA C 186 3.99 3.69 11.55
N TYR C 187 5.00 3.85 10.71
CA TYR C 187 5.81 5.06 10.73
C TYR C 187 4.96 6.29 10.47
N GLU C 188 4.16 6.27 9.40
CA GLU C 188 3.38 7.45 9.04
C GLU C 188 2.34 7.77 10.12
N ALA C 189 1.59 6.76 10.57
CA ALA C 189 0.56 7.00 11.57
C ALA C 189 1.18 7.49 12.87
N MET C 190 2.31 6.96 13.26
CA MET C 190 2.89 7.36 14.53
C MET C 190 3.48 8.76 14.46
N ASN C 191 4.07 9.12 13.31
CA ASN C 191 4.45 10.51 13.12
C ASN C 191 3.25 11.43 13.22
N ASN C 192 2.18 11.11 12.50
CA ASN C 192 0.99 11.95 12.53
C ASN C 192 0.39 12.01 13.91
N ALA C 193 0.50 10.94 14.69
CA ALA C 193 0.02 10.94 16.05
C ALA C 193 0.84 11.92 16.89
N GLY C 194 2.16 11.73 16.91
CA GLY C 194 3.01 12.69 17.58
C GLY C 194 2.76 14.12 17.17
N TYR C 195 2.23 14.31 15.96
CA TYR C 195 1.84 15.65 15.54
C TYR C 195 0.55 16.08 16.21
N LEU C 196 -0.51 15.29 16.07
CA LEU C 196 -1.83 15.69 16.56
C LEU C 196 -1.91 15.81 18.08
N ASP C 197 -0.94 15.26 18.80
CA ASP C 197 -0.97 15.25 20.26
C ASP C 197 -2.25 14.64 20.80
N SER C 198 -2.92 13.82 20.00
CA SER C 198 -4.10 13.11 20.49
C SER C 198 -3.68 12.13 21.57
N ASP C 199 -4.40 12.16 22.68
CA ASP C 199 -4.05 11.31 23.82
C ASP C 199 -4.27 9.86 23.44
N MET C 200 -3.19 9.10 23.27
CA MET C 200 -3.30 7.70 22.90
C MET C 200 -2.10 6.91 23.40
N ILE C 201 -2.18 5.59 23.29
CA ILE C 201 -1.14 4.69 23.77
C ILE C 201 -0.67 3.80 22.63
N VAL C 202 0.64 3.59 22.56
CA VAL C 202 1.24 2.65 21.63
C VAL C 202 2.11 1.69 22.42
N ILE C 203 2.14 0.43 21.99
CA ILE C 203 2.96 -0.56 22.68
C ILE C 203 3.79 -1.36 21.70
N LEU C 204 5.12 -1.18 21.77
CA LEU C 204 6.06 -1.95 20.99
C LEU C 204 6.52 -3.17 21.79
N ASN C 205 7.01 -4.17 21.08
CA ASN C 205 7.27 -5.47 21.67
C ASN C 205 8.62 -5.99 21.19
N ASP C 206 9.11 -7.05 21.85
CA ASP C 206 10.29 -7.79 21.40
C ASP C 206 11.56 -6.95 21.33
N ASN C 207 12.08 -6.52 22.48
CA ASN C 207 13.30 -5.72 22.51
C ASN C 207 14.44 -6.38 21.73
N LYS C 208 14.55 -7.70 21.81
CA LYS C 208 15.66 -8.40 21.18
C LYS C 208 15.45 -8.58 19.69
N GLN C 209 14.54 -7.81 19.11
CA GLN C 209 14.43 -7.62 17.67
C GLN C 209 13.99 -8.90 16.95
N VAL C 210 13.66 -9.94 17.69
CA VAL C 210 12.95 -11.06 17.09
C VAL C 210 11.53 -10.55 16.83
N SER C 211 11.01 -10.82 15.64
CA SER C 211 9.89 -10.02 15.14
C SER C 211 8.55 -10.54 15.63
N LEU C 212 7.50 -9.77 15.31
CA LEU C 212 6.14 -10.29 15.40
C LEU C 212 5.51 -10.33 14.02
N PRO C 213 5.53 -11.48 13.36
CA PRO C 213 5.28 -11.55 11.93
C PRO C 213 3.83 -11.80 11.57
N THR C 214 3.64 -12.00 10.27
CA THR C 214 2.41 -12.45 9.62
C THR C 214 2.04 -13.85 10.12
N ALA C 215 0.81 -14.28 9.80
CA ALA C 215 0.30 -15.56 10.25
C ALA C 215 1.21 -16.73 9.87
N THR C 216 1.42 -16.96 8.57
CA THR C 216 1.93 -18.27 8.14
C THR C 216 3.44 -18.30 7.95
N LEU C 217 4.18 -17.42 8.62
CA LEU C 217 5.64 -17.55 8.61
C LEU C 217 6.07 -18.79 9.39
N ASP C 218 6.53 -19.81 8.65
CA ASP C 218 6.98 -21.04 9.29
C ASP C 218 8.31 -20.82 9.99
N GLY C 219 9.16 -19.98 9.40
CA GLY C 219 10.44 -19.65 9.99
C GLY C 219 11.14 -18.51 9.27
N PRO C 220 11.59 -17.52 10.03
CA PRO C 220 12.44 -16.48 9.44
C PRO C 220 13.91 -16.90 9.53
N SER C 221 14.77 -16.13 8.88
CA SER C 221 16.20 -16.39 8.94
C SER C 221 16.70 -16.07 10.34
N PRO C 222 17.30 -17.02 11.04
CA PRO C 222 17.70 -16.79 12.43
C PRO C 222 18.90 -15.87 12.51
N PRO C 223 18.78 -14.72 13.19
CA PRO C 223 19.95 -13.86 13.42
C PRO C 223 20.87 -14.43 14.50
N VAL C 224 22.06 -13.85 14.63
CA VAL C 224 23.03 -14.32 15.60
C VAL C 224 23.07 -13.36 16.79
N GLY C 225 22.61 -12.13 16.56
CA GLY C 225 22.60 -11.13 17.62
C GLY C 225 21.52 -11.37 18.65
N SER C 278 17.42 3.51 21.58
CA SER C 278 16.69 2.63 20.63
C SER C 278 15.87 3.47 19.66
N SER C 279 14.54 3.30 19.67
CA SER C 279 13.68 4.01 18.68
C SER C 279 13.90 5.52 18.74
N LEU C 280 13.86 6.11 19.95
CA LEU C 280 13.96 7.59 20.11
C LEU C 280 12.97 8.18 19.09
N PHE C 281 11.74 7.66 19.07
CA PHE C 281 10.74 8.14 18.08
C PHE C 281 10.06 9.37 18.66
N GLU C 282 10.80 10.11 19.48
CA GLU C 282 10.29 11.38 20.04
C GLU C 282 10.39 12.39 18.91
N GLU C 283 11.25 12.12 17.92
CA GLU C 283 11.36 13.00 16.74
C GLU C 283 10.08 12.80 15.94
N LEU C 284 9.46 11.62 16.07
CA LEU C 284 8.17 11.40 15.39
C LEU C 284 7.07 12.05 16.22
N GLY C 285 7.37 12.45 17.47
CA GLY C 285 6.41 13.20 18.30
C GLY C 285 5.77 12.40 19.41
N LEU C 286 6.10 11.10 19.55
CA LEU C 286 5.41 10.27 20.52
C LEU C 286 6.07 10.37 21.88
N TYR C 287 5.60 9.55 22.82
CA TYR C 287 6.33 9.29 24.05
C TYR C 287 6.69 7.80 24.10
N TYR C 288 7.95 7.52 24.42
CA TYR C 288 8.47 6.18 24.17
C TYR C 288 9.00 5.58 25.47
N ILE C 289 8.16 4.80 26.15
CA ILE C 289 8.58 4.09 27.36
C ILE C 289 8.92 2.67 26.97
N GLY C 290 9.94 2.10 27.60
CA GLY C 290 10.35 0.77 27.27
C GLY C 290 11.49 0.78 26.29
N PRO C 291 12.01 -0.40 25.94
CA PRO C 291 11.46 -1.70 26.32
C PRO C 291 11.75 -2.09 27.74
N VAL C 292 10.70 -2.12 28.56
CA VAL C 292 10.78 -2.68 29.89
C VAL C 292 10.56 -4.19 29.76
N ASP C 293 10.87 -4.94 30.81
CA ASP C 293 10.76 -6.39 30.80
C ASP C 293 9.30 -6.81 30.81
N GLY C 294 8.88 -7.49 29.76
CA GLY C 294 7.57 -8.11 29.74
C GLY C 294 7.63 -9.50 30.33
N HIS C 295 8.32 -9.62 31.47
CA HIS C 295 8.36 -10.89 32.20
C HIS C 295 8.23 -10.69 33.70
N ASN C 296 7.69 -9.56 34.14
CA ASN C 296 7.29 -9.39 35.54
C ASN C 296 6.06 -8.51 35.54
N ILE C 297 4.89 -9.13 35.72
CA ILE C 297 3.63 -8.39 35.68
C ILE C 297 3.63 -7.26 36.70
N ASP C 298 4.47 -7.38 37.74
CA ASP C 298 4.63 -6.30 38.70
C ASP C 298 5.04 -5.00 38.00
N ASP C 299 5.97 -5.11 37.05
CA ASP C 299 6.48 -3.91 36.38
C ASP C 299 5.39 -3.16 35.64
N LEU C 300 4.59 -3.87 34.85
CA LEU C 300 3.65 -3.24 33.95
C LEU C 300 2.47 -2.65 34.70
N VAL C 301 2.00 -3.37 35.73
CA VAL C 301 0.89 -2.87 36.54
C VAL C 301 1.30 -1.62 37.29
N ALA C 302 2.59 -1.52 37.62
CA ALA C 302 3.09 -0.33 38.30
C ALA C 302 3.36 0.79 37.31
N ILE C 303 2.96 0.59 36.06
CA ILE C 303 3.12 1.60 35.02
C ILE C 303 1.78 2.15 34.54
N LEU C 304 0.91 1.30 34.00
CA LEU C 304 -0.28 1.78 33.33
C LEU C 304 -1.26 2.39 34.33
N LYS C 305 -1.26 1.91 35.58
CA LYS C 305 -2.07 2.54 36.61
C LYS C 305 -1.38 3.77 37.17
N GLU C 306 -0.04 3.80 37.09
CA GLU C 306 0.70 4.82 37.82
C GLU C 306 0.76 6.11 37.03
N VAL C 307 0.87 6.04 35.71
CA VAL C 307 0.96 7.26 34.90
C VAL C 307 -0.11 7.38 33.84
N LYS C 308 -0.76 6.30 33.40
CA LYS C 308 -1.40 6.37 32.10
C LYS C 308 -2.91 6.20 32.14
N SER C 309 -3.55 6.57 33.24
CA SER C 309 -4.92 7.05 33.18
C SER C 309 -4.97 8.26 32.28
N THR C 310 -6.19 8.71 31.95
CA THR C 310 -6.36 9.79 30.97
C THR C 310 -5.60 11.06 31.31
N ARG C 311 -5.03 11.16 32.52
CA ARG C 311 -4.12 12.25 32.84
C ARG C 311 -2.99 12.35 31.84
N THR C 312 -2.64 11.22 31.20
CA THR C 312 -1.66 11.25 30.13
C THR C 312 -2.10 12.19 29.02
N THR C 313 -1.14 12.96 28.51
CA THR C 313 -1.45 13.98 27.53
C THR C 313 -0.76 13.62 26.23
N GLY C 314 -1.54 13.40 25.18
CA GLY C 314 -0.99 13.07 23.90
C GLY C 314 -0.67 11.60 23.78
N PRO C 315 0.04 11.24 22.71
CA PRO C 315 0.34 9.83 22.46
C PRO C 315 1.60 9.34 23.17
N VAL C 316 1.54 8.07 23.58
CA VAL C 316 2.66 7.41 24.24
C VAL C 316 2.88 6.05 23.58
N LEU C 317 4.14 5.66 23.48
CA LEU C 317 4.54 4.38 22.90
C LEU C 317 5.29 3.55 23.93
N ILE C 318 4.95 2.27 23.99
CA ILE C 318 5.46 1.37 25.03
C ILE C 318 6.22 0.23 24.36
N HIS C 319 7.53 0.35 24.28
CA HIS C 319 8.33 -0.80 23.90
C HIS C 319 8.42 -1.74 25.10
N VAL C 320 8.49 -3.04 24.83
CA VAL C 320 8.61 -4.01 25.91
C VAL C 320 9.62 -5.08 25.54
N VAL C 321 10.45 -5.43 26.51
CA VAL C 321 11.35 -6.57 26.40
C VAL C 321 10.51 -7.83 26.53
N THR C 322 10.51 -8.67 25.52
CA THR C 322 9.80 -9.94 25.60
C THR C 322 10.59 -11.05 24.93
N GLU C 323 11.04 -12.00 25.72
CA GLU C 323 11.64 -13.23 25.23
C GLU C 323 10.54 -14.06 24.58
N LYS C 324 10.44 -13.98 23.27
CA LYS C 324 9.42 -14.76 22.59
C LYS C 324 9.61 -16.23 22.88
N GLY C 325 8.49 -16.91 23.13
CA GLY C 325 8.53 -18.27 23.60
C GLY C 325 8.74 -18.42 25.08
N ARG C 326 8.68 -17.34 25.86
CA ARG C 326 8.91 -17.43 27.28
C ARG C 326 7.89 -18.35 27.93
N GLY C 327 8.38 -19.24 28.79
CA GLY C 327 7.52 -20.14 29.53
C GLY C 327 7.48 -21.56 29.02
N TYR C 328 8.16 -21.85 27.92
CA TYR C 328 8.18 -23.20 27.35
C TYR C 328 9.62 -23.52 26.96
N PRO C 329 10.38 -24.23 27.81
CA PRO C 329 11.84 -24.34 27.60
C PRO C 329 12.26 -24.87 26.25
N TYR C 330 11.38 -25.56 25.53
CA TYR C 330 11.70 -25.90 24.15
C TYR C 330 11.71 -24.66 23.26
N ALA C 331 10.56 -23.99 23.15
CA ALA C 331 10.50 -22.79 22.32
C ALA C 331 11.33 -21.65 22.87
N GLU C 332 11.62 -21.66 24.18
CA GLU C 332 12.47 -20.63 24.77
C GLU C 332 13.80 -20.54 24.04
N ARG C 333 14.25 -21.64 23.43
CA ARG C 333 15.33 -21.62 22.46
C ARG C 333 14.86 -21.98 21.06
N ALA C 334 13.57 -22.28 20.89
CA ALA C 334 13.03 -22.70 19.60
C ALA C 334 11.73 -21.97 19.28
N ASP C 335 11.72 -20.64 19.42
CA ASP C 335 10.50 -19.87 19.26
C ASP C 335 9.90 -20.02 17.88
N ASP C 336 10.60 -19.55 16.85
CA ASP C 336 10.16 -19.78 15.47
C ASP C 336 9.94 -21.27 15.22
N LYS C 337 10.70 -22.12 15.91
CA LYS C 337 10.56 -23.56 15.81
C LYS C 337 9.35 -24.09 16.55
N TYR C 338 8.71 -23.24 17.36
CA TYR C 338 7.38 -23.49 17.87
C TYR C 338 6.45 -22.29 17.70
N HIS C 339 6.84 -21.31 16.88
CA HIS C 339 5.97 -20.17 16.64
C HIS C 339 4.67 -20.60 15.99
N GLY C 340 4.74 -21.08 14.75
CA GLY C 340 3.58 -21.61 14.10
C GLY C 340 3.48 -23.10 14.37
N VAL C 341 3.65 -23.48 15.62
CA VAL C 341 3.76 -24.90 15.97
C VAL C 341 2.42 -25.59 15.76
N VAL C 342 2.43 -26.67 14.99
CA VAL C 342 1.28 -27.55 14.85
C VAL C 342 1.04 -28.27 16.18
N LYS C 343 -0.11 -28.93 16.32
CA LYS C 343 -0.44 -29.66 17.54
C LYS C 343 0.76 -30.50 17.99
N PHE C 344 1.37 -30.09 19.10
CA PHE C 344 2.66 -30.63 19.47
C PHE C 344 2.55 -31.32 20.82
N ASP C 345 3.55 -32.14 21.14
CA ASP C 345 3.60 -32.83 22.42
C ASP C 345 3.97 -31.83 23.50
N PRO C 346 3.08 -31.54 24.45
CA PRO C 346 3.37 -30.51 25.45
C PRO C 346 4.54 -30.86 26.36
N ALA C 347 5.07 -32.08 26.23
CA ALA C 347 6.17 -32.53 27.05
C ALA C 347 7.51 -32.54 26.32
N THR C 348 7.52 -32.73 25.00
CA THR C 348 8.76 -32.74 24.25
C THR C 348 8.78 -31.79 23.07
N GLY C 349 7.64 -31.20 22.71
CA GLY C 349 7.59 -30.34 21.55
C GLY C 349 7.41 -31.10 20.25
N ARG C 350 7.28 -32.42 20.35
CA ARG C 350 7.13 -33.27 19.16
C ARG C 350 6.02 -32.73 18.26
N GLN C 351 6.28 -32.69 16.97
CA GLN C 351 5.26 -32.31 16.02
C GLN C 351 5.10 -33.42 15.00
N PHE C 352 4.08 -33.28 14.16
CA PHE C 352 3.74 -34.31 13.17
C PHE C 352 4.67 -34.19 11.97
N LYS C 353 5.42 -35.25 11.71
CA LYS C 353 6.25 -35.39 10.52
C LYS C 353 5.52 -36.09 9.38
N THR C 354 4.19 -36.19 9.42
CA THR C 354 3.48 -36.98 8.42
C THR C 354 3.42 -36.32 7.05
N THR C 355 3.90 -35.08 6.92
CA THR C 355 3.77 -34.36 5.66
C THR C 355 4.93 -34.65 4.71
N ASN C 356 5.77 -35.62 5.07
CA ASN C 356 6.96 -35.94 4.31
C ASN C 356 6.69 -36.81 3.08
N LYS C 357 5.43 -36.98 2.69
CA LYS C 357 5.12 -37.70 1.46
C LYS C 357 5.16 -36.77 0.26
N THR C 358 4.34 -35.73 0.27
CA THR C 358 4.40 -34.64 -0.69
C THR C 358 4.65 -33.33 0.03
N GLN C 359 5.54 -32.52 -0.51
CA GLN C 359 5.95 -31.27 0.13
C GLN C 359 4.99 -30.17 -0.29
N SER C 360 5.02 -29.06 0.43
CA SER C 360 4.20 -27.91 0.11
C SER C 360 4.73 -27.20 -1.14
N TYR C 361 3.85 -26.44 -1.78
CA TYR C 361 4.26 -25.59 -2.88
C TYR C 361 5.38 -24.64 -2.49
N THR C 362 5.28 -24.02 -1.31
CA THR C 362 6.33 -23.11 -0.87
C THR C 362 7.68 -23.80 -0.81
N THR C 363 7.71 -25.06 -0.36
CA THR C 363 8.93 -25.84 -0.51
C THR C 363 9.18 -26.17 -1.98
N TYR C 364 8.12 -26.53 -2.70
CA TYR C 364 8.25 -26.87 -4.11
C TYR C 364 8.74 -25.70 -4.95
N PHE C 365 8.87 -24.52 -4.33
CA PHE C 365 9.29 -23.33 -5.04
C PHE C 365 10.76 -23.02 -4.79
N ALA C 366 11.16 -22.91 -3.53
CA ALA C 366 12.56 -22.65 -3.21
C ALA C 366 13.44 -23.85 -3.51
N GLU C 367 12.88 -25.05 -3.36
CA GLU C 367 13.55 -26.24 -3.91
C GLU C 367 13.90 -26.04 -5.37
N ALA C 368 13.02 -25.38 -6.12
CA ALA C 368 13.14 -25.38 -7.57
C ALA C 368 13.86 -24.14 -8.06
N LEU C 369 13.60 -22.98 -7.44
CA LEU C 369 14.23 -21.75 -7.89
C LEU C 369 15.74 -21.87 -7.91
N VAL C 370 16.31 -22.64 -6.98
CA VAL C 370 17.76 -22.84 -6.98
C VAL C 370 18.20 -23.53 -8.26
N ALA C 371 17.32 -24.35 -8.86
CA ALA C 371 17.64 -24.98 -10.13
C ALA C 371 17.71 -23.97 -11.26
N GLU C 372 17.22 -22.75 -11.05
CA GLU C 372 17.48 -21.66 -11.98
C GLU C 372 18.49 -20.67 -11.42
N ALA C 373 18.69 -20.67 -10.10
CA ALA C 373 19.68 -19.78 -9.53
C ALA C 373 21.10 -20.29 -9.73
N GLU C 374 21.27 -21.61 -9.80
CA GLU C 374 22.61 -22.14 -10.04
C GLU C 374 23.05 -21.89 -11.48
N VAL C 375 22.16 -22.11 -12.43
CA VAL C 375 22.51 -21.97 -13.84
C VAL C 375 22.44 -20.53 -14.33
N ASP C 376 22.19 -19.56 -13.45
CA ASP C 376 22.05 -18.17 -13.87
C ASP C 376 22.70 -17.24 -12.86
N LYS C 377 23.10 -16.08 -13.36
CA LYS C 377 23.96 -15.17 -12.60
C LYS C 377 23.12 -14.21 -11.76
N ASP C 378 22.15 -13.55 -12.38
CA ASP C 378 21.42 -12.50 -11.66
C ASP C 378 19.99 -12.90 -11.27
N VAL C 379 19.69 -14.19 -11.17
CA VAL C 379 18.41 -14.56 -10.59
C VAL C 379 18.44 -14.28 -9.10
N VAL C 380 17.55 -13.40 -8.64
CA VAL C 380 17.47 -13.00 -7.25
C VAL C 380 16.01 -13.08 -6.81
N ALA C 381 15.78 -13.61 -5.62
CA ALA C 381 14.42 -13.68 -5.08
C ALA C 381 14.24 -12.58 -4.04
N ILE C 382 13.02 -12.07 -3.93
CA ILE C 382 12.69 -11.01 -2.99
C ILE C 382 11.52 -11.46 -2.13
N HIS C 383 11.66 -11.27 -0.82
CA HIS C 383 10.65 -11.74 0.13
C HIS C 383 10.56 -10.72 1.25
N ALA C 384 9.35 -10.52 1.77
CA ALA C 384 9.14 -9.71 2.97
C ALA C 384 8.91 -10.61 4.19
N ALA C 385 10.02 -11.16 4.70
CA ALA C 385 10.04 -11.96 5.92
C ALA C 385 9.04 -13.12 5.89
N MET C 386 8.68 -13.59 4.70
CA MET C 386 7.87 -14.81 4.59
C MET C 386 8.70 -16.02 4.21
N GLY C 387 9.96 -16.05 4.62
CA GLY C 387 10.88 -17.11 4.24
C GLY C 387 10.33 -18.50 4.47
N GLY C 388 10.16 -18.89 5.72
CA GLY C 388 9.60 -20.20 6.01
C GLY C 388 8.28 -20.40 5.31
N GLY C 389 7.42 -19.40 5.33
CA GLY C 389 6.12 -19.51 4.70
C GLY C 389 6.23 -19.54 3.19
N THR C 390 7.45 -19.36 2.68
CA THR C 390 7.67 -19.45 1.24
C THR C 390 8.76 -20.47 0.95
N GLY C 391 9.28 -21.12 1.99
CA GLY C 391 10.34 -22.07 1.83
C GLY C 391 11.66 -21.52 1.35
N LEU C 392 11.75 -20.21 1.11
CA LEU C 392 12.90 -19.62 0.44
C LEU C 392 14.20 -19.73 1.24
N ASN C 393 14.15 -20.36 2.42
CA ASN C 393 15.41 -20.70 3.07
C ASN C 393 16.20 -21.73 2.28
N LEU C 394 15.53 -22.53 1.45
CA LEU C 394 16.25 -23.35 0.49
C LEU C 394 17.06 -22.50 -0.49
N PHE C 395 16.81 -21.20 -0.51
CA PHE C 395 17.45 -20.29 -1.44
C PHE C 395 18.46 -19.37 -0.78
N GLN C 396 18.25 -18.98 0.47
CA GLN C 396 19.03 -17.90 1.05
C GLN C 396 20.48 -18.30 1.33
N ARG C 397 20.68 -19.27 2.21
CA ARG C 397 22.04 -19.61 2.60
C ARG C 397 22.79 -20.31 1.47
N ARG C 398 22.06 -20.86 0.50
CA ARG C 398 22.69 -21.37 -0.71
C ARG C 398 23.35 -20.25 -1.50
N PHE C 399 22.61 -19.17 -1.73
CA PHE C 399 23.10 -17.99 -2.44
C PHE C 399 23.02 -16.81 -1.49
N PRO C 400 23.98 -16.67 -0.58
CA PRO C 400 23.86 -15.64 0.47
C PRO C 400 23.83 -14.22 -0.07
N THR C 401 23.93 -14.03 -1.38
CA THR C 401 23.88 -12.71 -1.97
C THR C 401 22.87 -12.61 -3.11
N ARG C 402 21.91 -13.53 -3.18
CA ARG C 402 20.82 -13.41 -4.14
C ARG C 402 19.46 -13.63 -3.50
N CYS C 403 19.36 -13.47 -2.18
CA CYS C 403 18.10 -13.46 -1.46
C CYS C 403 18.15 -12.37 -0.40
N PHE C 404 17.13 -11.52 -0.37
CA PHE C 404 17.21 -10.26 0.35
C PHE C 404 16.12 -10.15 1.39
N ASP C 405 16.46 -9.60 2.55
CA ASP C 405 15.52 -9.39 3.65
C ASP C 405 15.19 -7.91 3.78
N VAL C 406 13.89 -7.60 3.63
CA VAL C 406 13.43 -6.23 3.56
C VAL C 406 12.55 -5.90 4.75
N GLY C 407 12.44 -6.82 5.70
CA GLY C 407 11.42 -6.68 6.71
C GLY C 407 10.06 -6.92 6.07
N ILE C 408 9.00 -6.68 6.84
CA ILE C 408 7.64 -6.82 6.32
C ILE C 408 7.23 -5.45 5.78
N ALA C 409 7.62 -5.18 4.54
CA ALA C 409 7.19 -3.96 3.86
C ALA C 409 7.03 -4.34 2.38
N GLU C 410 5.84 -4.78 2.02
CA GLU C 410 5.62 -5.26 0.66
C GLU C 410 5.85 -4.15 -0.35
N GLN C 411 5.67 -2.89 0.05
CA GLN C 411 5.90 -1.79 -0.86
C GLN C 411 7.39 -1.63 -1.16
N HIS C 412 8.21 -1.49 -0.12
CA HIS C 412 9.63 -1.29 -0.34
C HIS C 412 10.23 -2.42 -1.14
N ALA C 413 9.66 -3.62 -1.03
CA ALA C 413 10.19 -4.74 -1.77
C ALA C 413 9.91 -4.59 -3.25
N VAL C 414 8.63 -4.47 -3.63
CA VAL C 414 8.24 -4.61 -5.02
C VAL C 414 8.95 -3.58 -5.90
N THR C 415 9.41 -2.47 -5.34
CA THR C 415 10.28 -1.59 -6.12
C THR C 415 11.74 -1.96 -6.00
N PHE C 416 12.21 -2.25 -4.79
CA PHE C 416 13.53 -2.85 -4.65
C PHE C 416 13.69 -4.01 -5.60
N ALA C 417 12.58 -4.67 -5.95
CA ALA C 417 12.59 -5.55 -7.12
C ALA C 417 12.88 -4.76 -8.38
N ALA C 418 11.97 -3.85 -8.75
CA ALA C 418 12.17 -3.07 -9.96
C ALA C 418 13.47 -2.28 -9.93
N GLY C 419 13.81 -1.70 -8.78
CA GLY C 419 15.08 -1.01 -8.66
C GLY C 419 16.27 -1.89 -8.99
N LEU C 420 16.13 -3.20 -8.79
CA LEU C 420 17.12 -4.13 -9.31
C LEU C 420 16.80 -4.52 -10.75
N ALA C 421 15.53 -4.54 -11.13
CA ALA C 421 15.17 -4.99 -12.47
C ALA C 421 15.64 -4.03 -13.54
N CYS C 422 16.05 -2.83 -13.17
CA CYS C 422 16.61 -1.92 -14.15
C CYS C 422 18.11 -2.12 -14.36
N GLU C 423 18.77 -2.86 -13.47
CA GLU C 423 20.16 -3.22 -13.65
C GLU C 423 20.34 -4.41 -14.56
N GLY C 424 19.33 -4.74 -15.36
CA GLY C 424 19.41 -5.94 -16.17
C GLY C 424 19.29 -7.22 -15.40
N LEU C 425 19.21 -7.15 -14.07
CA LEU C 425 19.03 -8.32 -13.25
C LEU C 425 17.66 -8.93 -13.51
N LYS C 426 17.36 -10.01 -12.80
CA LYS C 426 16.04 -10.63 -12.89
C LYS C 426 15.50 -10.86 -11.48
N PRO C 427 15.36 -9.81 -10.67
CA PRO C 427 14.93 -10.00 -9.28
C PRO C 427 13.45 -10.31 -9.25
N PHE C 428 13.08 -11.33 -8.48
CA PHE C 428 11.75 -11.90 -8.54
C PHE C 428 11.17 -12.05 -7.14
N CYS C 429 9.93 -11.62 -6.96
CA CYS C 429 9.32 -11.38 -5.66
C CYS C 429 8.44 -12.56 -5.23
N ALA C 430 8.62 -12.98 -3.98
CA ALA C 430 7.74 -13.97 -3.36
C ALA C 430 7.01 -13.27 -2.21
N ILE C 431 5.72 -13.04 -2.43
CA ILE C 431 4.88 -12.28 -1.51
C ILE C 431 3.47 -12.84 -1.60
N TYR C 432 2.84 -12.97 -0.43
CA TYR C 432 1.54 -13.64 -0.31
C TYR C 432 0.45 -12.91 -1.09
N SER C 433 -0.45 -13.69 -1.68
CA SER C 433 -1.51 -13.13 -2.51
C SER C 433 -2.30 -12.05 -1.79
N SER C 434 -2.58 -12.22 -0.51
CA SER C 434 -3.21 -11.14 0.22
C SER C 434 -2.22 -10.02 0.49
N PHE C 435 -1.00 -10.37 0.90
CA PHE C 435 -0.06 -9.33 1.32
C PHE C 435 0.45 -8.48 0.18
N MET C 436 0.08 -8.81 -1.06
CA MET C 436 0.48 -7.95 -2.18
C MET C 436 -0.20 -6.59 -2.12
N GLN C 437 -1.53 -6.57 -1.93
CA GLN C 437 -2.27 -5.33 -1.86
C GLN C 437 -1.61 -4.30 -0.95
N ARG C 438 -0.81 -4.74 0.00
CA ARG C 438 -0.01 -3.81 0.79
C ARG C 438 0.83 -2.92 -0.12
N ALA C 439 1.14 -3.41 -1.32
CA ALA C 439 2.03 -2.72 -2.24
C ALA C 439 1.43 -2.45 -3.60
N TYR C 440 0.12 -2.62 -3.76
CA TYR C 440 -0.49 -2.55 -5.08
C TYR C 440 -0.20 -1.25 -5.81
N ASP C 441 0.28 -0.22 -5.10
CA ASP C 441 0.69 1.00 -5.78
C ASP C 441 1.85 0.71 -6.72
N GLN C 442 2.95 0.23 -6.18
CA GLN C 442 4.17 0.06 -6.96
C GLN C 442 3.98 -0.91 -8.11
N VAL C 443 3.23 -1.98 -7.90
CA VAL C 443 2.95 -2.93 -8.98
C VAL C 443 2.24 -2.21 -10.13
N VAL C 444 1.46 -1.18 -9.80
CA VAL C 444 0.72 -0.48 -10.84
C VAL C 444 1.63 0.54 -11.53
N HIS C 445 2.34 1.34 -10.72
CA HIS C 445 3.06 2.48 -11.25
C HIS C 445 4.54 2.18 -11.43
N ASP C 446 5.23 1.87 -10.33
CA ASP C 446 6.68 1.74 -10.38
C ASP C 446 7.15 0.53 -11.16
N VAL C 447 6.25 -0.30 -11.68
CA VAL C 447 6.70 -1.44 -12.47
C VAL C 447 6.05 -1.44 -13.84
N ASP C 448 4.73 -1.53 -13.89
CA ASP C 448 4.08 -1.73 -15.19
C ASP C 448 4.18 -0.49 -16.07
N LEU C 449 4.32 0.69 -15.47
CA LEU C 449 4.61 1.88 -16.26
C LEU C 449 6.07 1.92 -16.68
N GLN C 450 6.94 1.27 -15.93
CA GLN C 450 8.33 1.12 -16.29
C GLN C 450 8.58 -0.16 -17.09
N LYS C 451 7.60 -1.05 -17.15
CA LYS C 451 7.75 -2.35 -17.80
C LYS C 451 8.98 -3.09 -17.31
N LEU C 452 9.40 -2.80 -16.08
CA LEU C 452 10.59 -3.45 -15.58
C LEU C 452 10.37 -4.93 -15.40
N PRO C 453 11.41 -5.72 -15.51
CA PRO C 453 11.32 -7.18 -15.38
C PRO C 453 11.29 -7.68 -13.93
N VAL C 454 10.09 -7.74 -13.35
CA VAL C 454 9.91 -8.30 -12.01
C VAL C 454 8.87 -9.39 -12.09
N ARG C 455 9.25 -10.60 -11.67
CA ARG C 455 8.29 -11.70 -11.53
C ARG C 455 7.84 -11.83 -10.09
N PHE C 456 6.54 -11.99 -9.91
CA PHE C 456 5.96 -12.03 -8.57
C PHE C 456 5.56 -13.46 -8.24
N ALA C 457 5.81 -13.86 -7.01
CA ALA C 457 5.33 -15.15 -6.52
C ALA C 457 4.25 -14.91 -5.47
N MET C 458 3.00 -14.83 -5.91
CA MET C 458 1.87 -14.59 -5.02
C MET C 458 1.61 -15.91 -4.29
N ASP C 459 2.24 -16.03 -3.13
CA ASP C 459 2.05 -17.18 -2.26
C ASP C 459 0.69 -17.10 -1.58
N ARG C 460 0.31 -18.20 -0.93
CA ARG C 460 -0.94 -18.26 -0.16
C ARG C 460 -2.13 -17.85 -0.98
N ALA C 461 -2.33 -18.43 -2.15
CA ALA C 461 -3.40 -17.99 -3.03
C ALA C 461 -4.76 -18.23 -2.39
N GLY C 462 -5.60 -17.19 -2.42
CA GLY C 462 -6.99 -17.30 -2.01
C GLY C 462 -7.22 -17.91 -0.64
N LEU C 463 -7.88 -19.05 -0.62
CA LEU C 463 -8.29 -19.69 0.63
C LEU C 463 -7.07 -20.17 1.39
N VAL C 464 -6.71 -19.46 2.46
CA VAL C 464 -5.56 -19.84 3.26
C VAL C 464 -5.88 -20.93 4.26
N GLY C 465 -7.15 -21.20 4.53
CA GLY C 465 -7.53 -22.29 5.40
C GLY C 465 -7.84 -21.81 6.80
N ALA C 466 -6.95 -22.11 7.73
CA ALA C 466 -7.23 -21.92 9.15
C ALA C 466 -6.72 -20.61 9.69
N ASP C 467 -6.63 -19.54 8.90
CA ASP C 467 -6.21 -18.24 9.42
C ASP C 467 -7.20 -17.12 9.16
N GLY C 468 -8.38 -17.42 8.65
CA GLY C 468 -9.39 -16.40 8.47
C GLY C 468 -9.18 -15.60 7.21
N PRO C 469 -10.21 -14.86 6.79
CA PRO C 469 -10.10 -14.07 5.55
C PRO C 469 -9.08 -12.95 5.63
N THR C 470 -8.51 -12.68 6.81
CA THR C 470 -7.46 -11.67 6.93
C THR C 470 -6.20 -12.16 6.24
N HIS C 471 -6.28 -13.32 5.60
CA HIS C 471 -5.24 -13.73 4.67
C HIS C 471 -5.83 -14.22 3.35
N CYS C 472 -7.15 -14.18 3.17
CA CYS C 472 -7.73 -14.72 1.95
C CYS C 472 -7.36 -13.85 0.78
N GLY C 473 -6.24 -14.17 0.13
CA GLY C 473 -5.75 -13.36 -0.96
C GLY C 473 -6.49 -13.62 -2.25
N ALA C 474 -7.82 -13.63 -2.20
CA ALA C 474 -8.63 -13.90 -3.39
C ALA C 474 -8.93 -12.62 -4.16
N PHE C 475 -7.88 -11.83 -4.42
CA PHE C 475 -8.01 -10.62 -5.22
C PHE C 475 -6.87 -10.51 -6.21
N ASP C 476 -5.86 -11.38 -6.05
CA ASP C 476 -4.66 -11.28 -6.85
C ASP C 476 -4.97 -11.30 -8.35
N VAL C 477 -5.87 -12.18 -8.75
CA VAL C 477 -6.27 -12.20 -10.16
C VAL C 477 -7.04 -10.95 -10.51
N THR C 478 -7.59 -10.26 -9.51
CA THR C 478 -8.31 -9.02 -9.80
C THR C 478 -7.37 -7.85 -9.93
N PHE C 479 -6.60 -7.54 -8.88
CA PHE C 479 -5.88 -6.28 -8.92
C PHE C 479 -4.66 -6.34 -9.84
N MET C 480 -4.01 -7.51 -9.95
CA MET C 480 -2.90 -7.62 -10.87
C MET C 480 -3.37 -7.67 -12.32
N ALA C 481 -4.16 -8.68 -12.67
CA ALA C 481 -4.46 -8.98 -14.06
C ALA C 481 -5.18 -7.85 -14.78
N CYS C 482 -5.57 -6.79 -14.11
CA CYS C 482 -6.13 -5.64 -14.80
C CYS C 482 -5.06 -4.75 -15.41
N LEU C 483 -3.80 -4.91 -14.99
CA LEU C 483 -2.73 -4.02 -15.43
C LEU C 483 -2.27 -4.41 -16.82
N PRO C 484 -2.00 -3.45 -17.70
CA PRO C 484 -1.18 -3.73 -18.87
C PRO C 484 0.26 -4.01 -18.47
N ASN C 485 0.97 -4.73 -19.33
CA ASN C 485 2.38 -5.06 -19.25
C ASN C 485 2.69 -6.16 -18.25
N MET C 486 1.70 -6.69 -17.53
CA MET C 486 1.97 -7.69 -16.50
C MET C 486 1.42 -9.03 -16.96
N ILE C 487 2.19 -10.09 -16.75
CA ILE C 487 1.77 -11.43 -17.13
C ILE C 487 1.36 -12.20 -15.87
N VAL C 488 0.20 -12.84 -15.93
CA VAL C 488 -0.35 -13.53 -14.78
C VAL C 488 -0.38 -15.03 -15.06
N MET C 489 0.27 -15.78 -14.18
CA MET C 489 0.38 -17.22 -14.34
C MET C 489 0.07 -17.89 -13.01
N ALA C 490 -0.57 -19.05 -13.09
CA ALA C 490 -0.82 -19.84 -11.89
C ALA C 490 -0.69 -21.33 -12.18
N PRO C 491 -0.04 -22.07 -11.29
CA PRO C 491 0.24 -23.47 -11.55
C PRO C 491 -0.97 -24.39 -11.45
N SER C 492 -0.67 -25.69 -11.55
CA SER C 492 -1.63 -26.76 -11.30
C SER C 492 -1.10 -27.81 -10.34
N ASP C 493 0.22 -27.86 -10.17
CA ASP C 493 0.92 -28.90 -9.43
C ASP C 493 2.36 -28.41 -9.29
N GLU C 494 3.24 -29.26 -8.77
CA GLU C 494 4.63 -28.83 -8.70
C GLU C 494 5.26 -28.75 -10.09
N ALA C 495 4.82 -29.61 -11.01
CA ALA C 495 5.39 -29.58 -12.35
C ALA C 495 5.13 -28.24 -13.02
N ASP C 496 3.85 -27.90 -13.21
CA ASP C 496 3.50 -26.63 -13.81
C ASP C 496 4.07 -25.46 -13.01
N LEU C 497 4.19 -25.64 -11.70
CA LEU C 497 4.81 -24.61 -10.88
C LEU C 497 6.16 -24.24 -11.45
N PHE C 498 7.03 -25.22 -11.63
CA PHE C 498 8.35 -24.93 -12.15
C PHE C 498 8.43 -25.01 -13.66
N ASN C 499 7.48 -25.64 -14.34
CA ASN C 499 7.40 -25.48 -15.78
C ASN C 499 7.19 -24.02 -16.15
N MET C 500 6.69 -23.21 -15.23
CA MET C 500 6.49 -21.80 -15.53
C MET C 500 7.61 -20.95 -14.98
N VAL C 501 8.19 -21.32 -13.83
CA VAL C 501 9.33 -20.57 -13.34
C VAL C 501 10.45 -20.59 -14.37
N ALA C 502 10.54 -21.66 -15.16
CA ALA C 502 11.48 -21.69 -16.27
C ALA C 502 11.10 -20.67 -17.33
N THR C 503 9.84 -20.21 -17.33
CA THR C 503 9.45 -19.14 -18.23
C THR C 503 9.67 -17.77 -17.61
N ALA C 504 9.10 -17.55 -16.43
CA ALA C 504 9.10 -16.22 -15.83
C ALA C 504 10.47 -15.83 -15.29
N VAL C 505 11.43 -16.74 -15.30
CA VAL C 505 12.82 -16.34 -15.11
C VAL C 505 13.50 -16.16 -16.46
N ALA C 506 12.97 -16.84 -17.48
CA ALA C 506 13.50 -16.66 -18.82
C ALA C 506 13.19 -15.26 -19.35
N ILE C 507 11.92 -14.86 -19.29
CA ILE C 507 11.51 -13.57 -19.83
C ILE C 507 11.90 -12.45 -18.86
N ASP C 508 12.49 -11.38 -19.40
CA ASP C 508 12.77 -10.19 -18.62
C ASP C 508 12.52 -8.93 -19.43
N ASP C 509 11.63 -9.00 -20.42
CA ASP C 509 11.22 -7.80 -21.14
C ASP C 509 10.16 -7.02 -20.38
N ARG C 510 9.61 -7.59 -19.32
CA ARG C 510 8.41 -7.07 -18.67
C ARG C 510 8.23 -7.78 -17.33
N PRO C 511 7.24 -7.39 -16.53
CA PRO C 511 6.99 -8.12 -15.28
C PRO C 511 5.99 -9.26 -15.46
N SER C 512 5.95 -10.13 -14.46
CA SER C 512 5.04 -11.26 -14.44
C SER C 512 4.77 -11.63 -12.99
N CYS C 513 3.89 -12.60 -12.77
CA CYS C 513 3.48 -12.92 -11.41
C CYS C 513 3.02 -14.37 -11.32
N PHE C 514 3.29 -14.98 -10.16
CA PHE C 514 2.98 -16.38 -9.89
C PHE C 514 1.90 -16.48 -8.83
N ARG C 515 0.82 -17.17 -9.15
CA ARG C 515 -0.27 -17.36 -8.19
C ARG C 515 -0.35 -18.82 -7.77
N TYR C 516 0.43 -19.20 -6.77
CA TYR C 516 0.36 -20.60 -6.38
C TYR C 516 -0.28 -20.74 -5.01
N PRO C 517 -1.17 -21.71 -4.86
CA PRO C 517 -1.87 -21.88 -3.58
C PRO C 517 -0.96 -22.44 -2.52
N ARG C 518 -1.55 -22.76 -1.38
CA ARG C 518 -0.83 -23.42 -0.31
C ARG C 518 -1.41 -24.81 -0.10
N GLY C 519 -0.58 -25.84 -0.19
CA GLY C 519 -1.07 -27.20 -0.10
C GLY C 519 -0.14 -28.23 -0.70
N ASN C 520 -0.70 -29.09 -1.55
CA ASN C 520 0.05 -30.20 -2.13
C ASN C 520 -0.45 -30.49 -3.55
N GLY C 521 0.26 -31.41 -4.21
CA GLY C 521 -0.12 -31.87 -5.53
C GLY C 521 0.42 -33.24 -5.84
N ILE C 522 0.96 -33.40 -7.05
CA ILE C 522 1.68 -34.60 -7.48
C ILE C 522 2.91 -34.15 -8.25
N GLY C 523 4.06 -34.16 -7.59
CA GLY C 523 5.22 -33.49 -8.16
C GLY C 523 6.38 -34.36 -8.63
N VAL C 524 6.57 -34.41 -9.95
CA VAL C 524 7.79 -34.97 -10.51
C VAL C 524 8.95 -34.08 -10.12
N ALA C 525 10.16 -34.63 -10.11
CA ALA C 525 11.30 -33.95 -9.50
C ALA C 525 11.71 -32.72 -10.31
N LEU C 526 12.82 -32.12 -9.89
CA LEU C 526 13.41 -30.88 -10.42
C LEU C 526 13.62 -30.99 -11.93
N PRO C 527 13.96 -29.91 -12.63
CA PRO C 527 14.32 -30.04 -14.04
C PRO C 527 15.37 -31.12 -14.27
N PRO C 528 16.21 -31.45 -13.28
CA PRO C 528 16.84 -32.77 -13.29
C PRO C 528 15.85 -33.88 -13.62
N GLY C 529 14.77 -33.98 -12.84
CA GLY C 529 13.71 -34.91 -13.16
C GLY C 529 12.70 -34.30 -14.10
N ASN C 530 13.17 -33.37 -14.95
CA ASN C 530 12.36 -32.80 -16.03
C ASN C 530 11.11 -32.09 -15.51
N LYS C 531 11.30 -30.96 -14.83
CA LYS C 531 10.17 -30.09 -14.54
C LYS C 531 10.44 -28.62 -14.87
N GLY C 532 11.68 -28.28 -15.23
CA GLY C 532 12.00 -26.91 -15.54
C GLY C 532 11.94 -26.57 -17.01
N VAL C 533 10.93 -27.08 -17.71
CA VAL C 533 10.77 -26.85 -19.14
C VAL C 533 9.95 -25.58 -19.32
N PRO C 534 10.54 -24.49 -19.79
CA PRO C 534 9.75 -23.27 -20.01
C PRO C 534 8.72 -23.50 -21.11
N ILE C 535 7.61 -22.78 -21.00
CA ILE C 535 6.47 -22.94 -21.88
C ILE C 535 6.15 -21.59 -22.49
N GLU C 536 5.52 -21.61 -23.66
CA GLU C 536 5.28 -20.41 -24.43
C GLU C 536 4.43 -19.41 -23.66
N ILE C 537 4.92 -18.17 -23.58
CA ILE C 537 4.19 -17.13 -22.89
C ILE C 537 2.82 -16.95 -23.51
N GLY C 538 1.78 -17.10 -22.70
CA GLY C 538 0.43 -16.97 -23.20
C GLY C 538 -0.14 -18.24 -23.79
N LYS C 539 0.42 -19.39 -23.45
CA LYS C 539 -0.05 -20.67 -23.96
C LYS C 539 -0.76 -21.42 -22.84
N GLY C 540 -1.97 -21.87 -23.10
CA GLY C 540 -2.74 -22.63 -22.13
C GLY C 540 -2.31 -24.08 -22.05
N ARG C 541 -3.12 -24.92 -21.42
CA ARG C 541 -2.77 -26.32 -21.25
C ARG C 541 -4.02 -27.16 -21.04
N ILE C 542 -4.49 -27.84 -22.08
CA ILE C 542 -5.63 -28.74 -21.91
C ILE C 542 -5.20 -29.94 -21.09
N LEU C 543 -5.96 -30.24 -20.04
CA LEU C 543 -5.62 -31.31 -19.12
C LEU C 543 -6.59 -32.48 -19.15
N LYS C 544 -7.57 -32.47 -20.05
CA LYS C 544 -8.59 -33.50 -20.06
C LYS C 544 -9.38 -33.35 -21.35
N GLU C 545 -10.18 -34.36 -21.67
CA GLU C 545 -10.89 -34.38 -22.93
C GLU C 545 -12.38 -34.41 -22.69
N GLY C 546 -13.09 -33.43 -23.25
CA GLY C 546 -14.51 -33.31 -23.00
C GLY C 546 -15.16 -32.25 -23.83
N GLU C 547 -16.28 -32.61 -24.46
CA GLU C 547 -16.79 -31.86 -25.58
C GLU C 547 -18.22 -31.33 -25.41
N ARG C 548 -19.05 -31.96 -24.59
CA ARG C 548 -20.39 -31.42 -24.37
C ARG C 548 -20.34 -30.19 -23.49
N VAL C 549 -19.33 -30.08 -22.65
CA VAL C 549 -19.19 -29.02 -21.66
C VAL C 549 -17.72 -28.69 -21.52
N ALA C 550 -17.41 -27.44 -21.22
CA ALA C 550 -16.03 -27.03 -21.00
C ALA C 550 -15.77 -26.83 -19.53
N LEU C 551 -14.55 -26.38 -19.22
CA LEU C 551 -14.14 -26.03 -17.88
C LEU C 551 -12.77 -25.39 -17.93
N LEU C 552 -12.54 -24.41 -17.07
CA LEU C 552 -11.28 -23.65 -17.08
C LEU C 552 -10.80 -23.50 -15.65
N GLY C 553 -9.82 -22.63 -15.47
CA GLY C 553 -9.44 -22.23 -14.13
C GLY C 553 -7.96 -22.47 -13.90
N TYR C 554 -7.47 -21.93 -12.79
CA TYR C 554 -6.08 -22.12 -12.42
C TYR C 554 -5.89 -21.76 -10.95
N GLY C 555 -4.64 -21.78 -10.52
CA GLY C 555 -4.36 -21.81 -9.09
C GLY C 555 -4.67 -23.19 -8.59
N SER C 556 -4.99 -23.30 -7.29
CA SER C 556 -5.43 -24.58 -6.76
C SER C 556 -6.67 -25.09 -7.48
N ALA C 557 -7.30 -24.25 -8.29
CA ALA C 557 -8.64 -24.55 -8.76
C ALA C 557 -8.64 -25.69 -9.76
N VAL C 558 -7.59 -25.79 -10.58
CA VAL C 558 -7.61 -26.82 -11.63
C VAL C 558 -7.49 -28.21 -11.03
N GLN C 559 -6.78 -28.35 -9.90
CA GLN C 559 -6.80 -29.61 -9.18
C GLN C 559 -8.23 -29.94 -8.78
N SER C 560 -8.93 -28.96 -8.23
CA SER C 560 -10.33 -29.13 -7.94
C SER C 560 -11.13 -29.32 -9.21
N CYS C 561 -10.70 -28.71 -10.31
CA CYS C 561 -11.34 -29.00 -11.59
C CYS C 561 -11.12 -30.45 -12.00
N LEU C 562 -9.88 -30.94 -11.89
CA LEU C 562 -9.66 -32.38 -11.94
C LEU C 562 -10.61 -33.08 -10.98
N GLY C 563 -10.59 -32.65 -9.72
CA GLY C 563 -11.54 -33.19 -8.76
C GLY C 563 -12.98 -32.91 -9.11
N ALA C 564 -13.23 -31.89 -9.93
CA ALA C 564 -14.60 -31.58 -10.30
C ALA C 564 -15.19 -32.70 -11.13
N ALA C 565 -14.38 -33.34 -11.96
CA ALA C 565 -14.87 -34.39 -12.79
C ALA C 565 -15.19 -35.66 -12.03
N VAL C 566 -14.75 -35.79 -10.77
CA VAL C 566 -14.87 -37.08 -10.10
C VAL C 566 -16.32 -37.53 -10.10
N MET C 567 -17.25 -36.60 -9.88
CA MET C 567 -18.65 -36.92 -10.07
C MET C 567 -19.13 -36.55 -11.47
N LEU C 568 -18.22 -36.19 -12.35
CA LEU C 568 -18.54 -35.80 -13.71
C LEU C 568 -17.92 -36.72 -14.75
N GLU C 569 -16.69 -37.19 -14.52
CA GLU C 569 -15.99 -37.94 -15.56
C GLU C 569 -16.75 -39.19 -15.96
N GLU C 570 -17.58 -39.70 -15.05
CA GLU C 570 -18.34 -40.91 -15.32
C GLU C 570 -19.61 -40.63 -16.11
N ARG C 571 -19.68 -39.49 -16.78
CA ARG C 571 -20.85 -39.10 -17.57
C ARG C 571 -20.51 -38.98 -19.04
N GLY C 572 -19.58 -39.81 -19.53
CA GLY C 572 -19.07 -39.71 -20.88
C GLY C 572 -18.04 -38.62 -21.08
N LEU C 573 -17.43 -38.12 -20.00
CA LEU C 573 -16.52 -36.99 -20.03
C LEU C 573 -17.13 -35.82 -20.79
N ASN C 574 -18.29 -35.38 -20.33
CA ASN C 574 -18.81 -34.08 -20.71
C ASN C 574 -17.79 -32.97 -20.46
N VAL C 575 -16.91 -33.16 -19.49
CA VAL C 575 -16.00 -32.14 -19.01
C VAL C 575 -14.68 -32.28 -19.75
N THR C 576 -14.16 -31.16 -20.23
CA THR C 576 -12.73 -31.04 -20.42
C THR C 576 -12.20 -29.97 -19.48
N VAL C 577 -10.96 -30.16 -19.05
CA VAL C 577 -10.33 -29.23 -18.13
C VAL C 577 -9.17 -28.58 -18.84
N ALA C 578 -9.09 -27.26 -18.75
CA ALA C 578 -8.03 -26.53 -19.41
C ALA C 578 -7.37 -25.57 -18.43
N ASP C 579 -6.24 -26.00 -17.87
CA ASP C 579 -5.49 -25.11 -16.98
C ASP C 579 -4.82 -24.04 -17.84
N ALA C 580 -5.58 -23.03 -18.24
CA ALA C 580 -5.04 -21.92 -19.03
C ALA C 580 -4.19 -21.02 -18.15
N ARG C 581 -3.05 -21.57 -17.72
CA ARG C 581 -2.21 -20.99 -16.68
C ARG C 581 -1.95 -19.51 -16.87
N PHE C 582 -2.02 -19.01 -18.09
CA PHE C 582 -1.82 -17.60 -18.36
C PHE C 582 -3.15 -16.87 -18.23
N CYS C 583 -3.24 -15.99 -17.23
CA CYS C 583 -4.41 -15.14 -17.08
C CYS C 583 -4.34 -13.89 -17.93
N LYS C 584 -3.17 -13.30 -18.08
CA LYS C 584 -2.95 -12.28 -19.09
C LYS C 584 -1.47 -12.25 -19.40
N PRO C 585 -1.06 -12.34 -20.66
CA PRO C 585 -1.93 -12.47 -21.83
C PRO C 585 -2.58 -13.82 -21.90
N LEU C 586 -3.90 -13.84 -22.04
CA LEU C 586 -4.65 -15.08 -22.08
C LEU C 586 -4.26 -15.88 -23.31
N ASP C 587 -4.43 -17.20 -23.20
CA ASP C 587 -4.32 -18.05 -24.38
C ASP C 587 -5.59 -17.82 -25.21
N ARG C 588 -5.61 -16.66 -25.86
CA ARG C 588 -6.76 -16.28 -26.67
C ARG C 588 -7.05 -17.30 -27.75
N ALA C 589 -6.05 -18.09 -28.13
CA ALA C 589 -6.29 -19.17 -29.09
C ALA C 589 -7.05 -20.31 -28.44
N LEU C 590 -6.64 -20.73 -27.25
CA LEU C 590 -7.26 -21.85 -26.56
C LEU C 590 -8.74 -21.56 -26.30
N ILE C 591 -9.02 -20.47 -25.60
CA ILE C 591 -10.37 -20.10 -25.23
C ILE C 591 -11.26 -20.07 -26.46
N ARG C 592 -10.73 -19.55 -27.55
CA ARG C 592 -11.48 -19.49 -28.81
C ARG C 592 -11.82 -20.89 -29.30
N SER C 593 -10.81 -21.74 -29.41
CA SER C 593 -11.06 -23.15 -29.71
C SER C 593 -12.06 -23.74 -28.74
N LEU C 594 -11.84 -23.54 -27.43
CA LEU C 594 -12.80 -24.00 -26.44
C LEU C 594 -14.19 -23.47 -26.73
N ALA C 595 -14.29 -22.23 -27.18
CA ALA C 595 -15.59 -21.60 -27.34
C ALA C 595 -16.46 -22.34 -28.34
N LYS C 596 -16.05 -22.36 -29.59
CA LYS C 596 -16.90 -22.96 -30.62
C LYS C 596 -17.06 -24.47 -30.44
N SER C 597 -16.03 -25.14 -29.94
CA SER C 597 -16.10 -26.59 -29.76
C SER C 597 -17.24 -26.99 -28.84
N HIS C 598 -17.31 -26.38 -27.67
CA HIS C 598 -18.35 -26.71 -26.70
C HIS C 598 -19.58 -25.83 -26.90
N GLU C 599 -20.64 -26.19 -26.19
CA GLU C 599 -21.82 -25.32 -26.13
C GLU C 599 -21.92 -24.59 -24.81
N VAL C 600 -21.11 -24.97 -23.83
CA VAL C 600 -21.10 -24.32 -22.52
C VAL C 600 -19.66 -24.17 -22.06
N LEU C 601 -19.44 -23.22 -21.17
CA LEU C 601 -18.12 -23.01 -20.58
C LEU C 601 -18.31 -22.49 -19.16
N ILE C 602 -17.40 -22.90 -18.29
CA ILE C 602 -17.42 -22.49 -16.89
C ILE C 602 -15.99 -22.26 -16.44
N THR C 603 -15.63 -21.02 -16.16
CA THR C 603 -14.35 -20.75 -15.53
C THR C 603 -14.49 -20.92 -14.03
N VAL C 604 -13.35 -20.95 -13.35
CA VAL C 604 -13.31 -21.03 -11.89
C VAL C 604 -11.98 -20.46 -11.44
N GLU C 605 -11.95 -19.84 -10.26
CA GLU C 605 -10.74 -19.23 -9.80
C GLU C 605 -10.79 -19.06 -8.30
N GLU C 606 -9.62 -18.90 -7.70
CA GLU C 606 -9.55 -18.62 -6.28
C GLU C 606 -9.42 -17.12 -6.02
N GLY C 607 -10.32 -16.33 -6.57
CA GLY C 607 -10.25 -14.89 -6.41
C GLY C 607 -11.62 -14.27 -6.46
N SER C 608 -11.71 -13.05 -5.94
CA SER C 608 -12.97 -12.31 -6.05
C SER C 608 -13.27 -12.03 -7.50
N ILE C 609 -14.47 -11.51 -7.76
CA ILE C 609 -14.86 -11.37 -9.16
C ILE C 609 -14.34 -10.03 -9.68
N GLY C 610 -13.06 -10.02 -10.03
CA GLY C 610 -12.47 -8.97 -10.84
C GLY C 610 -11.33 -9.51 -11.67
N GLY C 611 -11.29 -10.82 -11.82
CA GLY C 611 -10.11 -11.48 -12.36
C GLY C 611 -10.36 -12.33 -13.58
N PHE C 612 -10.06 -13.63 -13.48
CA PHE C 612 -10.11 -14.51 -14.64
C PHE C 612 -11.47 -14.43 -15.32
N GLY C 613 -12.54 -14.71 -14.58
CA GLY C 613 -13.88 -14.61 -15.12
C GLY C 613 -14.12 -13.28 -15.80
N SER C 614 -13.64 -12.19 -15.20
CA SER C 614 -13.76 -10.88 -15.83
C SER C 614 -12.95 -10.81 -17.12
N HIS C 615 -11.64 -11.04 -17.03
CA HIS C 615 -10.81 -10.99 -18.23
C HIS C 615 -11.29 -11.95 -19.30
N VAL C 616 -11.66 -13.17 -18.93
CA VAL C 616 -12.02 -14.14 -19.94
C VAL C 616 -13.24 -13.67 -20.71
N VAL C 617 -14.24 -13.14 -20.00
CA VAL C 617 -15.41 -12.67 -20.71
C VAL C 617 -15.12 -11.36 -21.43
N GLN C 618 -14.30 -10.49 -20.84
CA GLN C 618 -13.82 -9.32 -21.57
C GLN C 618 -13.23 -9.74 -22.89
N PHE C 619 -12.39 -10.77 -22.88
CA PHE C 619 -11.90 -11.33 -24.13
C PHE C 619 -13.00 -12.10 -24.85
N LEU C 620 -13.85 -12.81 -24.10
CA LEU C 620 -14.98 -13.47 -24.74
C LEU C 620 -15.90 -12.47 -25.41
N ALA C 621 -16.04 -11.28 -24.85
CA ALA C 621 -16.95 -10.30 -25.42
C ALA C 621 -16.47 -9.84 -26.79
N LEU C 622 -15.26 -9.29 -26.85
CA LEU C 622 -14.75 -8.77 -28.11
C LEU C 622 -14.61 -9.88 -29.14
N ASP C 623 -14.01 -11.01 -28.77
CA ASP C 623 -14.04 -12.18 -29.64
C ASP C 623 -15.45 -12.68 -29.88
N GLY C 624 -16.41 -12.20 -29.09
CA GLY C 624 -17.76 -12.70 -29.17
C GLY C 624 -18.39 -12.60 -30.53
N LEU C 625 -17.89 -11.70 -31.40
CA LEU C 625 -18.50 -11.57 -32.70
C LEU C 625 -18.45 -12.86 -33.50
N LEU C 626 -17.62 -13.81 -33.07
CA LEU C 626 -17.77 -15.20 -33.49
C LEU C 626 -18.67 -15.97 -32.51
N ASP C 627 -19.87 -15.46 -32.29
CA ASP C 627 -20.86 -16.06 -31.39
C ASP C 627 -20.33 -16.22 -29.97
N GLY C 628 -20.07 -15.12 -29.28
CA GLY C 628 -19.89 -15.16 -27.85
C GLY C 628 -21.21 -15.37 -27.14
N LYS C 629 -21.95 -16.40 -27.58
CA LYS C 629 -23.29 -16.73 -27.12
C LYS C 629 -23.36 -18.12 -26.51
N LEU C 630 -22.33 -18.49 -25.75
CA LEU C 630 -22.34 -19.70 -24.97
C LEU C 630 -22.44 -19.36 -23.49
N LYS C 631 -23.24 -20.15 -22.77
CA LYS C 631 -23.48 -19.92 -21.37
C LYS C 631 -22.17 -19.94 -20.60
N TRP C 632 -22.01 -19.02 -19.66
CA TRP C 632 -20.74 -18.86 -18.99
C TRP C 632 -20.97 -18.30 -17.60
N ARG C 633 -20.52 -19.04 -16.58
CA ARG C 633 -20.83 -18.68 -15.21
C ARG C 633 -19.57 -18.79 -14.35
N PRO C 634 -18.95 -17.68 -14.00
CA PRO C 634 -17.68 -17.76 -13.26
C PRO C 634 -17.87 -18.09 -11.80
N MET C 635 -17.60 -19.34 -11.43
CA MET C 635 -17.69 -19.76 -10.04
C MET C 635 -16.45 -19.23 -9.33
N VAL C 636 -16.52 -17.98 -8.90
CA VAL C 636 -15.39 -17.36 -8.22
C VAL C 636 -15.75 -17.27 -6.74
N LEU C 637 -14.79 -16.86 -5.92
CA LEU C 637 -15.08 -16.52 -4.54
C LEU C 637 -16.34 -15.65 -4.49
N PRO C 638 -17.43 -16.13 -3.90
CA PRO C 638 -18.63 -15.30 -3.79
C PRO C 638 -18.34 -14.05 -2.98
N ASP C 639 -19.19 -13.04 -3.18
CA ASP C 639 -18.94 -11.73 -2.59
C ASP C 639 -19.18 -11.81 -1.09
N ARG C 640 -18.16 -12.31 -0.38
CA ARG C 640 -18.21 -12.49 1.07
C ARG C 640 -16.81 -12.84 1.53
N TYR C 641 -16.53 -12.63 2.82
CA TYR C 641 -15.24 -13.03 3.36
C TYR C 641 -15.34 -14.37 4.07
N ILE C 642 -14.69 -15.38 3.51
CA ILE C 642 -14.74 -16.73 4.02
C ILE C 642 -13.85 -16.82 5.25
N ASP C 643 -14.38 -17.38 6.32
CA ASP C 643 -13.73 -17.35 7.62
C ASP C 643 -12.59 -18.36 7.71
N HIS C 644 -11.98 -18.43 8.88
CA HIS C 644 -10.98 -19.44 9.17
C HIS C 644 -11.60 -20.83 9.16
N GLY C 645 -10.76 -21.85 9.17
CA GLY C 645 -11.25 -23.19 9.40
C GLY C 645 -10.62 -24.18 8.44
N ALA C 646 -11.29 -25.31 8.30
CA ALA C 646 -10.82 -26.39 7.46
C ALA C 646 -10.88 -25.99 6.00
N PRO C 647 -9.77 -26.06 5.27
CA PRO C 647 -9.80 -25.70 3.84
C PRO C 647 -10.87 -26.44 3.04
N ALA C 648 -11.08 -27.73 3.33
CA ALA C 648 -12.08 -28.48 2.59
C ALA C 648 -13.46 -27.86 2.74
N ASP C 649 -13.83 -27.48 3.96
CA ASP C 649 -15.13 -26.85 4.15
C ASP C 649 -15.12 -25.42 3.66
N GLN C 650 -13.98 -24.76 3.71
CA GLN C 650 -13.88 -23.46 3.05
C GLN C 650 -14.26 -23.57 1.60
N LEU C 651 -13.77 -24.60 0.91
CA LEU C 651 -14.29 -24.92 -0.41
C LEU C 651 -15.79 -25.15 -0.35
N ALA C 652 -16.25 -25.94 0.63
CA ALA C 652 -17.69 -26.16 0.77
C ALA C 652 -18.41 -24.87 1.10
N GLU C 653 -17.83 -24.06 2.00
CA GLU C 653 -18.45 -22.77 2.30
C GLU C 653 -18.44 -21.86 1.08
N ALA C 654 -17.26 -21.62 0.51
CA ALA C 654 -17.14 -20.75 -0.64
C ALA C 654 -17.76 -21.34 -1.90
N GLY C 655 -18.40 -22.50 -1.79
CA GLY C 655 -19.01 -23.12 -2.95
C GLY C 655 -17.95 -23.58 -3.93
N LEU C 656 -16.91 -24.23 -3.41
CA LEU C 656 -15.80 -24.66 -4.25
C LEU C 656 -15.35 -26.10 -3.98
N MET C 657 -16.11 -26.86 -3.22
CA MET C 657 -15.88 -28.30 -3.26
C MET C 657 -16.35 -28.77 -4.63
N PRO C 658 -15.71 -29.77 -5.21
CA PRO C 658 -16.02 -30.18 -6.59
C PRO C 658 -17.50 -30.26 -6.91
N SER C 659 -18.31 -30.68 -5.93
CA SER C 659 -19.75 -30.80 -6.17
C SER C 659 -20.35 -29.45 -6.57
N HIS C 660 -19.93 -28.38 -5.89
CA HIS C 660 -20.38 -27.05 -6.28
C HIS C 660 -20.01 -26.77 -7.73
N ILE C 661 -18.72 -26.92 -8.05
CA ILE C 661 -18.31 -26.83 -9.45
C ILE C 661 -19.09 -27.82 -10.28
N ALA C 662 -19.26 -29.03 -9.77
CA ALA C 662 -20.03 -30.04 -10.49
C ALA C 662 -21.44 -29.54 -10.75
N ALA C 663 -22.13 -29.12 -9.70
CA ALA C 663 -23.52 -28.71 -9.83
C ALA C 663 -23.70 -27.66 -10.92
N THR C 664 -22.73 -26.75 -11.05
CA THR C 664 -22.86 -25.65 -12.00
C THR C 664 -23.20 -26.17 -13.40
N ALA C 665 -22.39 -27.11 -13.89
CA ALA C 665 -22.69 -27.69 -15.20
C ALA C 665 -23.94 -28.55 -15.15
N LEU C 666 -24.20 -29.20 -14.02
CA LEU C 666 -25.35 -30.07 -13.89
C LEU C 666 -26.65 -29.36 -14.22
N ASN C 667 -26.75 -28.07 -13.92
CA ASN C 667 -27.94 -27.32 -14.30
C ASN C 667 -28.11 -27.24 -15.81
N LEU C 668 -27.09 -27.61 -16.57
CA LEU C 668 -27.11 -27.47 -18.01
C LEU C 668 -26.95 -28.81 -18.71
#